data_9BUB
#
_entry.id   9BUB
#
_cell.length_a   1.00
_cell.length_b   1.00
_cell.length_c   1.00
_cell.angle_alpha   90.00
_cell.angle_beta   90.00
_cell.angle_gamma   90.00
#
_symmetry.space_group_name_H-M   'P 1'
#
loop_
_entity.id
_entity.type
_entity.pdbx_description
1 polymer Cagrilintide
2 polymer 'Calcitonin receptor'
3 polymer 'Guanine nucleotide-binding protein G(s) subunit alpha isoforms short'
4 polymer 'Guanine nucleotide-binding protein G(I)/G(S)/G(T) subunit beta-1'
5 polymer 'Guanine nucleotide-binding protein G(I)/G(S)/G(O) subunit gamma-2'
6 polymer 'Nanobody 35'
7 non-polymer 'icosanedioic acid'
8 non-polymer '(2S)-2-{[(1R)-1-hydroxyhexadecyl]oxy}-3-{[(1R)-1-hydroxyoctadecyl]oxy}propyl 2-(trimethylammonio)ethyl phosphate'
9 water water
#
loop_
_entity_poly.entity_id
_entity_poly.type
_entity_poly.pdbx_seq_one_letter_code
_entity_poly.pdbx_strand_id
1 'polypeptide(L)' (GGL)KCNTATCATQRLAEFLRHSSNNFGPILPPTNVGSNTP(NH2) P
2 'polypeptide(L)'
;GPAAFSNQTYPTIEPKPFLYVVGRKKMMDAQYKCYDRMQQLPAYQGEGPYCNRTWDGWLCWDDTPAGVLSYQFCPDYFPD
FDPSEKVTKYCDEKGVWFKHPENNRTWSNYTMCNAFTPEKLKNAYVLYYLAIVGHSLSIFTLVISLGIFVFFRSLGCQRV
TLHKNMFLTYILNSMIIIIHLVEVVPNGELVRRDPVSCKILHFFHQYMMACNYFWMLCEGIYLHTLIVVAVFTEKQRLRW
YYLLGWGFPLVPTTIHAITRAVYFNDNCWLSVETHLLYIIHGPVMAALVVNFFFLLNIVRVLVTKMRETHEAESHMYLKA
VKATMILVPLLGIQFVVFPWRPSNKMLGKIYDYVMHSLIHFQGFFVATIYCFCNNEVQTTVKRQWAQFKIQWNQRWGRRP
SNRSARAAAAAAEAGDIPIYICHQELRNEPANNQGEESAEIIPLNIIEQESSAPAGLEVLFQ
;
R
3 'polypeptide(L)'
;MGCLGNSKTEDQRNEEKAQREANKKIEKQLQKDKQVYRATHRLLLLGAGESGKNTIVKQMRILHVNGFNGEGGEEDPQAA
RSNSDGEKATKVQDIKNNLKEAIETIVAAMSNLVPPVELANPENQFRVDYILSVMNVPDFDFPPEFYEHAKALWEDEGVR
ACYERSNEYQLIDCAQYFLDKIDVIKQADYVPSDQDLLRCRVLTSGIFETKFQVDKVNFHMFDVGAQRDERRKWIQCFND
VTAIIFVVASSSYNMVIREDNQTNRLQAALKLFDSIWNNKWLRDTSVILFLNKQDLLAEKVLAGKSKIEDYFPEFARYTT
PEDATPEPGEDPRVTRAKYFIRDEFLRISTASGDGRHYCYPHFTCSVDTENIRRVFNDCRDIIQRMHLRQYELL
;
A
4 'polypeptide(L)'
;MHHHHHHGSSGSELDQLRQEAEQLKNQIRDARKACADATLSQITNNIDPVGRIQMRTRRTLRGHLAKIYAMHWGTDSRLL
VSASQDGKLIIWDSYTTNKVHAIPLRSSWVMTCAYAPSGNYVACGGLDNICSIYNLKTREGNVRVSRELAGHTGYLSCCR
FLDDNQIVTSSGDTTCALWDIETGQQTTTFTGHTGDVMSLSLAPDTRLFVSGACDASAKLWDVREGMCRQTFTGHESDIN
AICFFPNGNAFATGSDDATCRLFDLRADQELMTYSHDNIICGITSVSFSKSGRLLLAGYDDFNCNVWDALKADRAGVLAG
HDNRVSCLGVTDDGMAVATGSWDSFLKIWN
;
B
5 'polypeptide(L)' MASNNTASIAQARKLVEQLKMEANIDRIKVSKAAADLMAYCEAHAKEDPLLTPVPASENPFREKKFFCAIL G
6 'polypeptide(L)'
;QVQLQESGGGLVQPGGSLRLSCAASGFTFSNYKMNWVRQAPGKGLEWVSDISQSGASISYTGSVKGRFTISRDNAKNTLY
LQMNSLKPEDTAVYYCARCPAPFTRDCFDVTSTTYAYRGQGTQVTVSSHHHHHHEPEA
;
N
#
loop_
_chem_comp.id
_chem_comp.type
_chem_comp.name
_chem_comp.formula
A1B90 non-polymer 'icosanedioic acid' 'C20 H38 O4'
GGL L-gamma-peptide, C-delta linking 'GAMMA-L-GLUTAMIC ACID' 'C5 H9 N O4'
NH2 non-polymer 'AMINO GROUP' 'H2 N'
P42 non-polymer '(2S)-2-{[(1R)-1-hydroxyhexadecyl]oxy}-3-{[(1R)-1-hydroxyoctadecyl]oxy}propyl 2-(trimethylammonio)ethyl phosphate' 'C42 H88 N O8 P'
#
# COMPACT_ATOMS: atom_id res chain seq x y z
N GGL A 1 -30.55 42.48 5.30
CA GGL A 1 -31.57 42.60 4.28
C GGL A 1 -32.83 41.81 4.65
O GGL A 1 -32.96 41.32 5.80
CB GGL A 1 -31.03 42.08 2.95
CG GGL A 1 -31.06 43.15 1.86
CD GGL A 1 -29.76 43.21 1.09
OE1 GGL A 1 -29.55 44.11 0.25
OXT GGL A 1 -33.75 41.67 3.81
N LYS A 2 -28.86 42.26 1.40
CA LYS A 2 -27.74 41.88 0.56
C LYS A 2 -27.04 40.64 1.09
N CYS A 3 -26.41 39.89 0.19
CA CYS A 3 -25.62 38.72 0.57
C CYS A 3 -24.19 39.17 0.84
N ASN A 4 -23.78 39.10 2.11
CA ASN A 4 -22.45 39.53 2.53
C ASN A 4 -21.53 38.35 2.84
N THR A 5 -21.96 37.12 2.59
CA THR A 5 -21.13 35.96 2.84
C THR A 5 -19.97 35.91 1.86
N ALA A 6 -18.91 35.22 2.27
CA ALA A 6 -17.73 35.09 1.42
C ALA A 6 -18.06 34.39 0.11
N THR A 7 -19.09 33.53 0.11
CA THR A 7 -19.48 32.84 -1.11
C THR A 7 -19.96 33.82 -2.18
N CYS A 8 -20.46 34.99 -1.77
CA CYS A 8 -20.96 36.00 -2.69
C CYS A 8 -19.89 36.97 -3.15
N ALA A 9 -18.63 36.75 -2.77
CA ALA A 9 -17.56 37.69 -3.10
C ALA A 9 -17.44 37.90 -4.60
N THR A 10 -17.33 36.81 -5.36
CA THR A 10 -17.16 36.94 -6.81
C THR A 10 -18.36 37.62 -7.45
N GLN A 11 -19.57 37.28 -7.00
CA GLN A 11 -20.77 37.93 -7.53
C GLN A 11 -20.74 39.43 -7.27
N ARG A 12 -20.37 39.81 -6.05
CA ARG A 12 -20.30 41.24 -5.71
C ARG A 12 -19.23 41.95 -6.54
N LEU A 13 -18.08 41.30 -6.74
CA LEU A 13 -17.02 41.90 -7.56
C LEU A 13 -17.49 42.11 -8.99
N ALA A 14 -18.13 41.09 -9.57
CA ALA A 14 -18.63 41.22 -10.94
C ALA A 14 -19.68 42.32 -11.03
N GLU A 15 -20.58 42.40 -10.04
CA GLU A 15 -21.61 43.43 -10.07
C GLU A 15 -20.99 44.82 -9.96
N PHE A 16 -20.00 45.00 -9.09
CA PHE A 16 -19.35 46.30 -8.97
C PHE A 16 -18.63 46.67 -10.26
N LEU A 17 -17.93 45.71 -10.87
CA LEU A 17 -17.27 46.00 -12.14
C LEU A 17 -18.27 46.40 -13.21
N ARG A 18 -19.41 45.70 -13.27
CA ARG A 18 -20.43 46.05 -14.24
C ARG A 18 -21.00 47.45 -13.99
N HIS A 19 -21.27 47.77 -12.72
CA HIS A 19 -21.90 49.05 -12.42
C HIS A 19 -20.95 50.23 -12.58
N SER A 20 -19.88 50.25 -11.79
CA SER A 20 -18.98 51.40 -11.78
C SER A 20 -18.30 51.59 -13.14
N SER A 21 -17.79 50.50 -13.71
CA SER A 21 -17.04 50.61 -14.96
C SER A 21 -17.99 50.87 -16.12
N ASN A 22 -17.52 51.67 -17.08
CA ASN A 22 -18.30 51.96 -18.30
C ASN A 22 -18.10 50.81 -19.29
N ASN A 23 -18.68 49.66 -18.93
CA ASN A 23 -18.56 48.45 -19.74
C ASN A 23 -17.10 48.12 -20.01
N PHE A 24 -16.25 48.32 -19.00
CA PHE A 24 -14.81 48.17 -19.14
C PHE A 24 -14.28 49.08 -20.25
N GLY A 25 -14.74 50.33 -20.24
CA GLY A 25 -14.38 51.29 -21.26
C GLY A 25 -13.70 52.52 -20.71
N PRO A 26 -13.84 53.65 -21.40
CA PRO A 26 -13.14 54.87 -20.99
C PRO A 26 -13.68 55.41 -19.68
N ILE A 27 -12.82 56.13 -18.96
CA ILE A 27 -13.18 56.72 -17.69
C ILE A 27 -14.05 57.96 -17.92
N LEU A 28 -15.01 58.18 -17.02
CA LEU A 28 -15.84 59.38 -17.05
C LEU A 28 -15.48 60.31 -15.90
N PRO A 29 -15.73 61.61 -16.04
CA PRO A 29 -15.50 62.52 -14.93
C PRO A 29 -16.44 62.22 -13.79
N PRO A 30 -16.01 62.46 -12.54
CA PRO A 30 -16.85 62.12 -11.40
C PRO A 30 -18.08 63.00 -11.29
N THR A 31 -19.10 62.46 -10.62
CA THR A 31 -20.30 63.23 -10.33
C THR A 31 -20.00 64.34 -9.33
N ASN A 32 -20.81 65.39 -9.36
CA ASN A 32 -20.60 66.57 -8.54
C ASN A 32 -21.38 66.45 -7.24
N VAL A 33 -20.70 66.68 -6.12
CA VAL A 33 -21.31 66.63 -4.79
C VAL A 33 -21.03 67.94 -4.07
N GLY A 34 -20.87 69.02 -4.83
CA GLY A 34 -20.47 70.28 -4.28
C GLY A 34 -21.57 70.98 -3.49
N SER A 35 -21.25 72.17 -3.00
CA SER A 35 -22.19 72.91 -2.16
C SER A 35 -23.49 73.18 -2.89
N ASN A 36 -23.45 73.35 -4.22
CA ASN A 36 -24.66 73.63 -4.97
C ASN A 36 -25.51 72.40 -5.22
N THR A 37 -24.97 71.19 -4.97
CA THR A 37 -25.72 69.96 -5.15
C THR A 37 -26.37 69.52 -3.84
N PRO A 38 -27.47 68.77 -3.93
CA PRO A 38 -28.20 68.28 -2.75
C PRO A 38 -27.37 67.31 -1.91
N NH2 A 39 -27.84 67.18 -0.69
N TYR B 20 -27.75 57.02 -17.87
CA TYR B 20 -28.14 58.25 -17.18
C TYR B 20 -29.65 58.31 -17.02
N VAL B 21 -30.37 58.11 -18.13
CA VAL B 21 -31.82 58.20 -18.09
C VAL B 21 -32.38 57.22 -17.05
N VAL B 22 -31.80 56.03 -16.97
CA VAL B 22 -32.21 55.06 -15.95
C VAL B 22 -32.02 55.65 -14.56
N GLY B 23 -30.88 56.32 -14.34
CA GLY B 23 -30.62 56.92 -13.04
C GLY B 23 -31.63 58.00 -12.70
N ARG B 24 -31.93 58.88 -13.66
CA ARG B 24 -32.95 59.91 -13.45
C ARG B 24 -34.31 59.29 -13.16
N LYS B 25 -34.65 58.22 -13.89
CA LYS B 25 -35.92 57.54 -13.65
C LYS B 25 -35.98 56.97 -12.24
N LYS B 26 -34.90 56.35 -11.78
CA LYS B 26 -34.85 55.88 -10.39
C LYS B 26 -34.95 57.04 -9.41
N MET B 27 -34.36 58.18 -9.73
CA MET B 27 -34.47 59.36 -8.87
C MET B 27 -35.92 59.80 -8.75
N MET B 28 -36.64 59.83 -9.88
CA MET B 28 -38.04 60.23 -9.84
C MET B 28 -38.90 59.20 -9.13
N ASP B 29 -38.56 57.92 -9.26
CA ASP B 29 -39.28 56.87 -8.53
C ASP B 29 -39.10 57.05 -7.03
N ALA B 30 -37.88 57.34 -6.58
CA ALA B 30 -37.64 57.61 -5.16
C ALA B 30 -38.37 58.87 -4.71
N GLN B 31 -38.37 59.89 -5.55
CA GLN B 31 -39.10 61.12 -5.24
C GLN B 31 -40.57 60.80 -4.98
N TYR B 32 -41.18 60.02 -5.87
CA TYR B 32 -42.57 59.63 -5.70
C TYR B 32 -42.75 58.78 -4.46
N LYS B 33 -41.78 57.89 -4.18
CA LYS B 33 -41.88 57.00 -3.03
C LYS B 33 -41.98 57.80 -1.73
N CYS B 34 -41.06 58.74 -1.51
CA CYS B 34 -41.12 59.47 -0.25
C CYS B 34 -42.01 60.71 -0.32
N TYR B 35 -42.60 60.99 -1.49
CA TYR B 35 -43.75 61.86 -1.54
C TYR B 35 -44.99 61.14 -1.03
N ASP B 36 -45.17 59.88 -1.43
CA ASP B 36 -46.19 59.04 -0.82
C ASP B 36 -45.89 58.78 0.65
N ARG B 37 -44.63 58.86 1.04
CA ARG B 37 -44.28 58.86 2.46
C ARG B 37 -44.87 60.09 3.14
N MET B 38 -44.76 60.10 4.46
CA MET B 38 -45.33 61.12 5.36
C MET B 38 -46.82 60.88 5.59
N GLN B 39 -47.41 59.82 5.03
CA GLN B 39 -48.80 59.52 5.32
C GLN B 39 -48.97 59.17 6.79
N GLN B 40 -50.10 59.59 7.36
CA GLN B 40 -50.33 59.39 8.79
C GLN B 40 -49.25 60.09 9.59
N LEU B 41 -49.14 61.41 9.43
CA LEU B 41 -48.07 62.17 10.05
C LEU B 41 -48.08 61.97 11.56
N PRO B 42 -46.98 61.55 12.16
CA PRO B 42 -46.91 61.41 13.62
C PRO B 42 -46.70 62.76 14.28
N ALA B 43 -46.47 62.72 15.59
CA ALA B 43 -46.17 63.90 16.39
C ALA B 43 -44.81 63.73 17.05
N TYR B 44 -44.03 64.81 17.06
CA TYR B 44 -42.69 64.75 17.62
C TYR B 44 -42.74 64.29 19.07
N GLN B 45 -41.88 63.33 19.41
CA GLN B 45 -41.80 62.79 20.75
C GLN B 45 -40.60 63.35 21.49
N GLY B 46 -40.67 63.31 22.82
CA GLY B 46 -39.61 63.85 23.64
C GLY B 46 -39.75 65.33 23.90
N GLU B 47 -38.66 66.07 23.78
CA GLU B 47 -38.67 67.51 24.00
C GLU B 47 -37.56 68.15 23.18
N GLY B 48 -37.69 69.47 22.98
CA GLY B 48 -36.72 70.22 22.22
C GLY B 48 -37.10 70.37 20.77
N PRO B 49 -36.45 71.31 20.08
CA PRO B 49 -36.76 71.51 18.65
C PRO B 49 -36.39 70.28 17.83
N TYR B 50 -37.15 70.07 16.76
CA TYR B 50 -36.95 68.92 15.89
C TYR B 50 -36.87 69.39 14.44
N CYS B 51 -36.07 68.70 13.64
CA CYS B 51 -35.92 69.02 12.23
C CYS B 51 -37.07 68.43 11.43
N ASN B 52 -37.75 69.27 10.66
CA ASN B 52 -38.86 68.82 9.84
C ASN B 52 -38.36 67.94 8.70
N ARG B 53 -39.18 66.97 8.33
CA ARG B 53 -38.82 66.05 7.26
C ARG B 53 -38.69 66.81 5.94
N THR B 54 -37.69 66.44 5.15
CA THR B 54 -37.42 67.13 3.89
C THR B 54 -36.88 66.14 2.88
N TRP B 55 -36.98 66.53 1.60
CA TRP B 55 -36.47 65.75 0.48
C TRP B 55 -35.40 66.60 -0.21
N ASP B 56 -34.14 66.16 -0.11
CA ASP B 56 -33.03 66.97 -0.63
C ASP B 56 -33.03 67.02 -2.15
N GLY B 57 -33.36 65.89 -2.80
CA GLY B 57 -33.29 65.80 -4.24
C GLY B 57 -32.76 64.47 -4.71
N TRP B 58 -31.96 63.81 -3.86
CA TRP B 58 -31.51 62.45 -4.11
C TRP B 58 -32.06 61.47 -3.10
N LEU B 59 -31.84 61.70 -1.81
CA LEU B 59 -32.40 60.87 -0.75
C LEU B 59 -33.47 61.67 0.00
N CYS B 60 -34.02 61.08 1.05
CA CYS B 60 -35.19 61.64 1.71
C CYS B 60 -35.14 61.27 3.18
N TRP B 61 -35.12 62.28 4.04
CA TRP B 61 -34.90 62.07 5.47
C TRP B 61 -36.22 62.12 6.24
N ASP B 62 -36.21 61.45 7.38
CA ASP B 62 -37.38 61.31 8.23
C ASP B 62 -37.31 62.31 9.37
N ASP B 63 -38.24 62.22 10.32
CA ASP B 63 -38.24 63.12 11.46
C ASP B 63 -37.00 62.91 12.31
N THR B 64 -36.39 64.00 12.76
CA THR B 64 -35.16 63.95 13.52
C THR B 64 -35.18 65.05 14.57
N PRO B 65 -34.55 64.82 15.73
CA PRO B 65 -34.43 65.90 16.71
C PRO B 65 -33.18 66.74 16.50
N ALA B 66 -33.01 67.78 17.30
CA ALA B 66 -31.88 68.70 17.13
C ALA B 66 -30.61 68.10 17.72
N GLY B 67 -29.53 68.12 16.92
CA GLY B 67 -28.23 67.73 17.41
C GLY B 67 -27.91 66.25 17.30
N VAL B 68 -28.06 65.68 16.10
CA VAL B 68 -27.73 64.29 15.84
C VAL B 68 -27.43 64.12 14.36
N LEU B 69 -26.68 63.07 14.03
CA LEU B 69 -26.24 62.79 12.67
C LEU B 69 -26.94 61.51 12.19
N SER B 70 -27.64 61.61 11.06
CA SER B 70 -28.34 60.48 10.48
C SER B 70 -27.53 59.87 9.35
N TYR B 71 -27.75 58.58 9.11
CA TYR B 71 -27.02 57.83 8.10
C TYR B 71 -28.00 57.03 7.24
N GLN B 72 -27.57 56.78 6.00
CA GLN B 72 -28.24 55.80 5.13
C GLN B 72 -27.37 55.56 3.91
N PHE B 73 -27.60 54.43 3.25
CA PHE B 73 -26.74 54.01 2.16
C PHE B 73 -26.87 54.95 0.96
N CYS B 74 -25.76 55.11 0.25
CA CYS B 74 -25.76 55.98 -0.92
C CYS B 74 -26.59 55.35 -2.05
N PRO B 75 -27.33 56.18 -2.80
CA PRO B 75 -28.10 55.65 -3.93
C PRO B 75 -27.20 55.28 -5.10
N ASP B 76 -27.75 54.47 -6.00
CA ASP B 76 -27.05 54.02 -7.20
C ASP B 76 -27.43 54.84 -8.44
N TYR B 77 -27.84 56.09 -8.25
CA TYR B 77 -28.24 56.92 -9.38
C TYR B 77 -27.10 57.08 -10.38
N PHE B 78 -25.87 57.19 -9.89
CA PHE B 78 -24.72 57.50 -10.72
C PHE B 78 -23.75 56.32 -10.78
N PRO B 79 -22.98 56.20 -11.86
CA PRO B 79 -22.07 55.06 -11.99
C PRO B 79 -20.98 55.03 -10.94
N ASP B 80 -20.45 56.19 -10.54
CA ASP B 80 -19.35 56.22 -9.59
C ASP B 80 -19.79 56.17 -8.14
N PHE B 81 -21.09 56.23 -7.88
CA PHE B 81 -21.58 56.18 -6.51
C PHE B 81 -21.45 54.76 -5.95
N ASP B 82 -20.90 54.65 -4.74
CA ASP B 82 -20.73 53.35 -4.10
C ASP B 82 -21.89 53.11 -3.16
N PRO B 83 -22.80 52.17 -3.45
CA PRO B 83 -23.95 51.95 -2.56
C PRO B 83 -23.55 51.59 -1.14
N SER B 84 -22.45 50.84 -0.97
CA SER B 84 -22.05 50.38 0.35
C SER B 84 -21.60 51.51 1.27
N GLU B 85 -21.38 52.71 0.75
CA GLU B 85 -20.98 53.84 1.58
C GLU B 85 -22.20 54.36 2.34
N LYS B 86 -21.95 55.31 3.24
CA LYS B 86 -22.98 55.85 4.12
C LYS B 86 -23.11 57.35 3.89
N VAL B 87 -24.33 57.80 3.59
CA VAL B 87 -24.62 59.22 3.51
C VAL B 87 -24.79 59.77 4.93
N THR B 88 -24.48 61.05 5.10
CA THR B 88 -24.53 61.69 6.41
C THR B 88 -25.39 62.95 6.33
N LYS B 89 -26.16 63.20 7.38
CA LYS B 89 -27.00 64.39 7.46
C LYS B 89 -27.14 64.77 8.93
N TYR B 90 -26.83 66.02 9.24
CA TYR B 90 -26.81 66.51 10.61
C TYR B 90 -27.91 67.54 10.82
N CYS B 91 -28.66 67.39 11.90
CA CYS B 91 -29.63 68.39 12.34
C CYS B 91 -29.03 69.13 13.52
N ASP B 92 -28.87 70.45 13.37
CA ASP B 92 -28.21 71.24 14.40
C ASP B 92 -29.00 71.20 15.70
N GLU B 93 -28.38 71.70 16.77
CA GLU B 93 -29.01 71.73 18.07
C GLU B 93 -30.08 72.82 18.18
N LYS B 94 -30.20 73.68 17.17
CA LYS B 94 -31.23 74.71 17.14
C LYS B 94 -32.50 74.26 16.44
N GLY B 95 -32.50 73.05 15.89
CA GLY B 95 -33.68 72.52 15.22
C GLY B 95 -33.67 72.65 13.71
N VAL B 96 -32.58 73.12 13.11
CA VAL B 96 -32.51 73.34 11.67
C VAL B 96 -31.40 72.47 11.10
N TRP B 97 -31.53 72.14 9.81
CA TRP B 97 -30.61 71.25 9.15
C TRP B 97 -29.28 71.96 8.87
N PHE B 98 -28.29 71.17 8.46
CA PHE B 98 -26.99 71.70 8.11
C PHE B 98 -27.13 72.70 6.96
N LYS B 99 -26.56 73.89 7.12
CA LYS B 99 -26.53 74.92 6.10
C LYS B 99 -25.09 75.07 5.62
N HIS B 100 -24.85 74.78 4.35
CA HIS B 100 -23.50 74.80 3.82
C HIS B 100 -22.90 76.19 3.98
N PRO B 101 -21.71 76.32 4.57
CA PRO B 101 -21.13 77.66 4.77
C PRO B 101 -20.94 78.43 3.46
N GLU B 102 -20.60 77.74 2.37
CA GLU B 102 -20.30 78.44 1.13
C GLU B 102 -21.50 79.21 0.60
N ASN B 103 -22.69 78.59 0.62
CA ASN B 103 -23.89 79.22 0.08
C ASN B 103 -25.04 79.27 1.07
N ASN B 104 -24.85 78.79 2.29
CA ASN B 104 -25.84 78.89 3.36
C ASN B 104 -27.14 78.18 3.03
N ARG B 105 -27.11 77.23 2.10
CA ARG B 105 -28.30 76.47 1.71
C ARG B 105 -28.23 75.07 2.31
N THR B 106 -29.40 74.51 2.60
CA THR B 106 -29.48 73.17 3.17
C THR B 106 -28.71 72.18 2.32
N TRP B 107 -27.72 71.52 2.93
CA TRP B 107 -26.80 70.66 2.21
C TRP B 107 -26.65 69.33 2.94
N SER B 108 -26.49 68.26 2.17
CA SER B 108 -26.26 66.92 2.68
C SER B 108 -24.92 66.40 2.18
N ASN B 109 -24.24 65.63 3.02
CA ASN B 109 -22.90 65.13 2.72
C ASN B 109 -23.01 63.89 1.85
N TYR B 110 -22.78 64.05 0.55
CA TYR B 110 -22.76 62.94 -0.40
C TYR B 110 -21.37 62.67 -0.93
N THR B 111 -20.34 63.31 -0.37
CA THR B 111 -18.99 63.19 -0.91
C THR B 111 -18.47 61.76 -0.83
N MET B 112 -18.67 61.09 0.31
CA MET B 112 -18.13 59.76 0.50
C MET B 112 -18.74 58.74 -0.46
N CYS B 113 -19.88 59.06 -1.07
CA CYS B 113 -20.54 58.10 -1.96
C CYS B 113 -19.65 57.71 -3.14
N ASN B 114 -18.77 58.61 -3.58
CA ASN B 114 -17.90 58.31 -4.71
C ASN B 114 -16.46 58.75 -4.48
N ALA B 115 -16.07 58.99 -3.22
CA ALA B 115 -14.71 59.45 -2.95
C ALA B 115 -13.68 58.38 -3.29
N PHE B 116 -13.97 57.12 -2.97
CA PHE B 116 -13.02 56.03 -3.15
C PHE B 116 -13.25 55.22 -4.42
N THR B 117 -14.21 55.63 -5.26
CA THR B 117 -14.54 54.83 -6.43
C THR B 117 -13.38 54.61 -7.38
N PRO B 118 -12.54 55.61 -7.70
CA PRO B 118 -11.45 55.36 -8.66
C PRO B 118 -10.50 54.26 -8.21
N GLU B 119 -9.97 54.36 -6.99
CA GLU B 119 -9.03 53.35 -6.50
C GLU B 119 -9.71 52.00 -6.38
N LYS B 120 -10.98 51.98 -5.97
CA LYS B 120 -11.70 50.72 -5.86
C LYS B 120 -11.84 50.04 -7.22
N LEU B 121 -12.16 50.82 -8.25
CA LEU B 121 -12.23 50.26 -9.61
C LEU B 121 -10.86 49.78 -10.08
N LYS B 122 -9.81 50.53 -9.76
CA LYS B 122 -8.46 50.13 -10.14
C LYS B 122 -8.12 48.78 -9.52
N ASN B 123 -8.47 48.60 -8.24
CA ASN B 123 -8.25 47.31 -7.58
C ASN B 123 -9.18 46.23 -8.14
N ALA B 124 -10.39 46.60 -8.54
CA ALA B 124 -11.32 45.63 -9.09
C ALA B 124 -10.83 45.05 -10.41
N TYR B 125 -10.16 45.88 -11.22
CA TYR B 125 -9.56 45.35 -12.44
C TYR B 125 -8.53 44.26 -12.14
N VAL B 126 -7.67 44.52 -11.16
CA VAL B 126 -6.67 43.53 -10.77
C VAL B 126 -7.35 42.27 -10.24
N LEU B 127 -8.41 42.44 -9.44
CA LEU B 127 -9.14 41.29 -8.94
C LEU B 127 -9.75 40.47 -10.07
N TYR B 128 -10.30 41.16 -11.07
CA TYR B 128 -10.87 40.48 -12.25
C TYR B 128 -9.81 39.64 -12.96
N TYR B 129 -8.65 40.24 -13.24
CA TYR B 129 -7.60 39.49 -13.92
C TYR B 129 -7.08 38.35 -13.06
N LEU B 130 -6.97 38.58 -11.75
CA LEU B 130 -6.52 37.53 -10.85
C LEU B 130 -7.48 36.35 -10.85
N ALA B 131 -8.79 36.63 -10.81
CA ALA B 131 -9.77 35.55 -10.86
C ALA B 131 -9.66 34.78 -12.17
N ILE B 132 -9.52 35.49 -13.29
CA ILE B 132 -9.41 34.79 -14.57
C ILE B 132 -8.19 33.89 -14.58
N VAL B 133 -7.04 34.41 -14.13
CA VAL B 133 -5.81 33.62 -14.15
C VAL B 133 -5.94 32.41 -13.24
N GLY B 134 -6.48 32.61 -12.04
CA GLY B 134 -6.63 31.50 -11.11
C GLY B 134 -7.53 30.41 -11.64
N HIS B 135 -8.67 30.79 -12.22
CA HIS B 135 -9.57 29.77 -12.77
C HIS B 135 -8.98 29.08 -13.99
N SER B 136 -8.23 29.80 -14.83
CA SER B 136 -7.60 29.13 -15.96
C SER B 136 -6.56 28.11 -15.50
N LEU B 137 -5.72 28.50 -14.54
CA LEU B 137 -4.73 27.56 -14.01
C LEU B 137 -5.41 26.38 -13.33
N SER B 138 -6.47 26.64 -12.58
CA SER B 138 -7.21 25.56 -11.93
C SER B 138 -7.78 24.60 -12.97
N ILE B 139 -8.37 25.14 -14.05
CA ILE B 139 -8.93 24.28 -15.09
C ILE B 139 -7.84 23.39 -15.67
N PHE B 140 -6.69 23.98 -16.02
CA PHE B 140 -5.63 23.19 -16.64
C PHE B 140 -5.13 22.10 -15.70
N THR B 141 -4.78 22.48 -14.48
CA THR B 141 -4.20 21.52 -13.54
C THR B 141 -5.22 20.44 -13.16
N LEU B 142 -6.48 20.81 -12.97
CA LEU B 142 -7.49 19.84 -12.60
C LEU B 142 -7.82 18.89 -13.74
N VAL B 143 -7.79 19.39 -14.98
CA VAL B 143 -7.93 18.50 -16.13
C VAL B 143 -6.80 17.49 -16.15
N ILE B 144 -5.58 17.96 -15.92
CA ILE B 144 -4.44 17.03 -15.89
C ILE B 144 -4.62 15.99 -14.79
N SER B 145 -5.04 16.44 -13.60
CA SER B 145 -5.21 15.52 -12.48
C SER B 145 -6.31 14.50 -12.75
N LEU B 146 -7.43 14.94 -13.31
CA LEU B 146 -8.51 14.02 -13.63
C LEU B 146 -8.07 13.01 -14.68
N GLY B 147 -7.33 13.48 -15.70
CA GLY B 147 -6.79 12.56 -16.68
C GLY B 147 -5.88 11.52 -16.06
N ILE B 148 -5.04 11.96 -15.12
CA ILE B 148 -4.14 11.03 -14.42
C ILE B 148 -4.95 10.00 -13.65
N PHE B 149 -5.94 10.45 -12.88
CA PHE B 149 -6.73 9.53 -12.06
C PHE B 149 -7.47 8.52 -12.92
N VAL B 150 -8.10 8.97 -14.00
CA VAL B 150 -8.79 8.04 -14.89
C VAL B 150 -7.80 7.08 -15.55
N PHE B 151 -6.63 7.60 -15.92
CA PHE B 151 -5.66 6.80 -16.67
C PHE B 151 -5.16 5.62 -15.85
N PHE B 152 -4.84 5.84 -14.57
CA PHE B 152 -4.25 4.83 -13.72
C PHE B 152 -5.36 4.12 -12.95
N ARG B 153 -5.68 2.90 -13.38
CA ARG B 153 -6.69 2.11 -12.68
C ARG B 153 -6.21 1.70 -11.29
N SER B 154 -4.91 1.46 -11.14
CA SER B 154 -4.37 1.04 -9.85
C SER B 154 -4.62 2.09 -8.78
N LEU B 155 -4.45 3.37 -9.12
CA LEU B 155 -4.69 4.44 -8.17
C LEU B 155 -6.15 4.52 -7.72
N GLY B 156 -7.07 3.97 -8.52
CA GLY B 156 -8.49 4.05 -8.21
C GLY B 156 -8.88 3.47 -6.87
N CYS B 157 -9.80 4.12 -6.15
CA CYS B 157 -10.37 3.63 -4.87
C CYS B 157 -11.54 4.54 -4.47
N GLN B 158 -12.17 4.29 -3.33
CA GLN B 158 -13.35 5.10 -2.92
C GLN B 158 -12.93 6.56 -2.71
N ARG B 159 -11.77 6.79 -2.12
CA ARG B 159 -11.26 8.18 -1.94
C ARG B 159 -11.07 8.79 -3.34
N VAL B 160 -10.47 8.03 -4.25
CA VAL B 160 -10.21 8.53 -5.64
C VAL B 160 -11.54 8.78 -6.34
N THR B 161 -12.53 7.93 -6.09
CA THR B 161 -13.86 8.08 -6.72
C THR B 161 -14.49 9.41 -6.32
N LEU B 162 -14.34 9.81 -5.06
CA LEU B 162 -14.88 11.13 -4.61
C LEU B 162 -14.02 12.29 -5.11
N HIS B 163 -12.70 12.14 -5.09
CA HIS B 163 -11.74 13.11 -5.62
C HIS B 163 -12.07 13.49 -7.06
N LYS B 164 -12.43 12.49 -7.88
CA LYS B 164 -12.75 12.75 -9.28
C LYS B 164 -14.00 13.61 -9.40
N ASN B 165 -15.04 13.30 -8.60
CA ASN B 165 -16.24 14.12 -8.63
C ASN B 165 -15.95 15.56 -8.21
N MET B 166 -15.14 15.72 -7.16
CA MET B 166 -14.76 17.06 -6.72
C MET B 166 -14.02 17.80 -7.83
N PHE B 167 -13.10 17.12 -8.51
CA PHE B 167 -12.36 17.75 -9.60
C PHE B 167 -13.29 18.17 -10.72
N LEU B 168 -14.24 17.31 -11.09
CA LEU B 168 -15.17 17.64 -12.16
C LEU B 168 -16.02 18.85 -11.80
N THR B 169 -16.51 18.90 -10.56
CA THR B 169 -17.31 20.06 -10.15
C THR B 169 -16.46 21.33 -10.14
N TYR B 170 -15.21 21.23 -9.68
CA TYR B 170 -14.30 22.37 -9.74
C TYR B 170 -14.15 22.87 -11.18
N ILE B 171 -13.91 21.94 -12.11
CA ILE B 171 -13.68 22.33 -13.51
C ILE B 171 -14.91 23.01 -14.08
N LEU B 172 -16.10 22.43 -13.84
CA LEU B 172 -17.32 23.02 -14.37
C LEU B 172 -17.54 24.42 -13.80
N ASN B 173 -17.35 24.58 -12.49
CA ASN B 173 -17.53 25.89 -11.88
C ASN B 173 -16.56 26.91 -12.45
N SER B 174 -15.29 26.51 -12.62
CA SER B 174 -14.30 27.43 -13.16
C SER B 174 -14.64 27.85 -14.58
N MET B 175 -15.08 26.90 -15.41
CA MET B 175 -15.42 27.24 -16.79
C MET B 175 -16.61 28.19 -16.83
N ILE B 176 -17.65 27.91 -16.03
CA ILE B 176 -18.82 28.77 -16.02
C ILE B 176 -18.43 30.17 -15.54
N ILE B 177 -17.58 30.25 -14.51
CA ILE B 177 -17.17 31.54 -13.99
C ILE B 177 -16.37 32.32 -15.03
N ILE B 178 -15.48 31.63 -15.76
CA ILE B 178 -14.68 32.30 -16.77
C ILE B 178 -15.59 32.86 -17.86
N ILE B 179 -16.55 32.05 -18.32
CA ILE B 179 -17.48 32.52 -19.36
C ILE B 179 -18.27 33.72 -18.87
N HIS B 180 -18.77 33.65 -17.63
CA HIS B 180 -19.54 34.76 -17.09
C HIS B 180 -18.70 36.03 -17.00
N LEU B 181 -17.45 35.90 -16.56
CA LEU B 181 -16.60 37.07 -16.41
C LEU B 181 -16.24 37.69 -17.75
N VAL B 182 -16.00 36.86 -18.77
CA VAL B 182 -15.47 37.38 -20.02
C VAL B 182 -16.54 37.76 -21.04
N GLU B 183 -17.74 37.18 -20.96
CA GLU B 183 -18.76 37.41 -21.97
C GLU B 183 -19.99 38.15 -21.47
N VAL B 184 -20.36 37.99 -20.21
CA VAL B 184 -21.58 38.58 -19.66
C VAL B 184 -21.29 39.91 -18.96
N VAL B 185 -20.27 39.92 -18.10
CA VAL B 185 -19.98 41.15 -17.34
C VAL B 185 -19.60 42.30 -18.26
N PRO B 186 -18.72 42.12 -19.26
CA PRO B 186 -18.33 43.26 -20.11
C PRO B 186 -19.30 43.56 -21.25
N ASN B 187 -20.25 42.67 -21.53
CA ASN B 187 -21.21 42.86 -22.61
C ASN B 187 -22.50 43.39 -21.98
N GLY B 188 -22.58 44.72 -21.85
CA GLY B 188 -23.77 45.34 -21.28
C GLY B 188 -24.97 45.35 -22.19
N GLU B 189 -24.76 45.30 -23.51
CA GLU B 189 -25.89 45.26 -24.44
C GLU B 189 -26.69 43.97 -24.27
N LEU B 190 -26.01 42.85 -24.08
CA LEU B 190 -26.70 41.58 -23.85
C LEU B 190 -27.58 41.66 -22.60
N VAL B 191 -27.03 42.15 -21.50
CA VAL B 191 -27.81 42.27 -20.27
C VAL B 191 -28.97 43.24 -20.47
N ARG B 192 -28.73 44.32 -21.22
CA ARG B 192 -29.80 45.27 -21.52
C ARG B 192 -30.94 44.57 -22.25
N ARG B 193 -30.61 43.72 -23.23
CA ARG B 193 -31.65 42.95 -23.92
C ARG B 193 -32.44 42.10 -22.93
N ASP B 194 -31.76 41.45 -22.00
CA ASP B 194 -32.38 40.58 -21.02
C ASP B 194 -33.05 39.38 -21.68
N PRO B 195 -32.30 38.55 -22.38
CA PRO B 195 -32.86 37.28 -22.88
C PRO B 195 -32.89 36.23 -21.79
N VAL B 196 -33.72 35.21 -22.02
CA VAL B 196 -33.79 34.06 -21.11
C VAL B 196 -32.53 33.22 -21.15
N SER B 197 -31.69 33.41 -22.17
CA SER B 197 -30.48 32.61 -22.30
C SER B 197 -29.56 32.80 -21.10
N CYS B 198 -29.33 34.05 -20.68
CA CYS B 198 -28.47 34.23 -19.52
C CYS B 198 -29.19 33.87 -18.23
N LYS B 199 -30.53 33.83 -18.24
CA LYS B 199 -31.25 33.28 -17.10
C LYS B 199 -30.92 31.80 -16.94
N ILE B 200 -30.92 31.05 -18.04
CA ILE B 200 -30.50 29.65 -18.00
C ILE B 200 -29.04 29.56 -17.56
N LEU B 201 -28.20 30.45 -18.08
CA LEU B 201 -26.79 30.44 -17.69
C LEU B 201 -26.62 30.68 -16.20
N HIS B 202 -27.36 31.63 -15.64
CA HIS B 202 -27.30 31.92 -14.21
C HIS B 202 -27.80 30.73 -13.39
N PHE B 203 -28.87 30.08 -13.84
CA PHE B 203 -29.34 28.87 -13.17
C PHE B 203 -28.25 27.82 -13.12
N PHE B 204 -27.59 27.58 -14.26
CA PHE B 204 -26.52 26.59 -14.30
C PHE B 204 -25.37 26.99 -13.39
N HIS B 205 -25.01 28.27 -13.40
CA HIS B 205 -23.91 28.76 -12.56
C HIS B 205 -24.21 28.54 -11.07
N GLN B 206 -25.41 28.92 -10.64
CA GLN B 206 -25.78 28.73 -9.25
C GLN B 206 -25.79 27.25 -8.88
N TYR B 207 -26.34 26.41 -9.75
CA TYR B 207 -26.40 24.98 -9.47
C TYR B 207 -24.99 24.41 -9.33
N MET B 208 -24.07 24.80 -10.22
CA MET B 208 -22.72 24.27 -10.17
C MET B 208 -21.98 24.77 -8.93
N MET B 209 -22.18 26.02 -8.54
CA MET B 209 -21.56 26.52 -7.32
C MET B 209 -22.04 25.74 -6.09
N ALA B 210 -23.36 25.53 -6.01
CA ALA B 210 -23.90 24.75 -4.90
C ALA B 210 -23.37 23.32 -4.92
N CYS B 211 -23.25 22.72 -6.10
CA CYS B 211 -22.70 21.37 -6.21
C CYS B 211 -21.25 21.32 -5.75
N ASN B 212 -20.46 22.34 -6.09
CA ASN B 212 -19.07 22.38 -5.64
C ASN B 212 -19.01 22.43 -4.11
N TYR B 213 -19.80 23.32 -3.50
CA TYR B 213 -19.76 23.42 -2.04
C TYR B 213 -20.23 22.12 -1.39
N PHE B 214 -21.28 21.50 -1.93
CA PHE B 214 -21.78 20.27 -1.32
C PHE B 214 -20.88 19.08 -1.58
N TRP B 215 -20.07 19.10 -2.64
CA TRP B 215 -19.06 18.06 -2.79
C TRP B 215 -17.90 18.27 -1.83
N MET B 216 -17.55 19.52 -1.54
CA MET B 216 -16.62 19.76 -0.43
C MET B 216 -17.18 19.16 0.85
N LEU B 217 -18.47 19.37 1.10
CA LEU B 217 -19.10 18.78 2.29
C LEU B 217 -19.06 17.26 2.25
N CYS B 218 -19.27 16.67 1.07
CA CYS B 218 -19.22 15.21 0.95
C CYS B 218 -17.83 14.69 1.27
N GLU B 219 -16.79 15.36 0.77
CA GLU B 219 -15.43 15.00 1.13
C GLU B 219 -15.23 15.07 2.64
N GLY B 220 -15.71 16.16 3.26
CA GLY B 220 -15.59 16.27 4.70
C GLY B 220 -16.26 15.14 5.44
N ILE B 221 -17.47 14.78 5.00
CA ILE B 221 -18.22 13.72 5.67
C ILE B 221 -17.50 12.39 5.55
N TYR B 222 -17.06 12.02 4.35
CA TYR B 222 -16.33 10.74 4.16
C TYR B 222 -15.04 10.72 4.99
N LEU B 223 -14.28 11.81 5.00
CA LEU B 223 -13.04 11.81 5.79
C LEU B 223 -13.32 11.70 7.28
N HIS B 224 -14.37 12.39 7.75
CA HIS B 224 -14.71 12.30 9.16
C HIS B 224 -15.25 10.93 9.54
N THR B 225 -15.91 10.25 8.60
CA THR B 225 -16.43 8.92 8.86
C THR B 225 -15.41 7.83 8.64
N LEU B 226 -14.21 8.17 8.15
CA LEU B 226 -13.13 7.19 8.06
C LEU B 226 -12.12 7.27 9.20
N ILE B 227 -12.00 8.42 9.87
CA ILE B 227 -10.97 8.62 10.87
C ILE B 227 -11.51 8.76 12.28
N VAL B 228 -12.72 9.31 12.43
CA VAL B 228 -13.24 9.67 13.77
C VAL B 228 -14.20 8.59 14.24
N VAL B 229 -15.18 8.23 13.42
CA VAL B 229 -16.22 7.24 13.85
C VAL B 229 -16.36 6.17 12.77
N ALA B 230 -16.75 4.95 13.15
CA ALA B 230 -16.97 3.85 12.18
C ALA B 230 -15.70 3.57 11.36
N VAL B 231 -14.53 3.68 11.99
CA VAL B 231 -13.25 3.37 11.30
C VAL B 231 -13.16 1.88 10.97
N PHE B 232 -13.63 1.00 11.86
CA PHE B 232 -13.45 -0.47 11.67
C PHE B 232 -14.28 -1.04 10.53
N THR B 233 -13.63 -1.76 9.60
CA THR B 233 -14.36 -2.49 8.54
C THR B 233 -15.41 -1.60 7.88
N GLU B 234 -15.05 -0.36 7.52
CA GLU B 234 -16.12 0.52 7.00
C GLU B 234 -16.04 0.64 5.48
N LYS B 235 -17.05 0.13 4.78
CA LYS B 235 -17.11 0.35 3.31
C LYS B 235 -18.35 1.25 3.10
N GLN B 236 -18.14 2.46 2.60
CA GLN B 236 -19.29 3.40 2.51
C GLN B 236 -20.07 3.15 1.22
N ARG B 237 -21.38 3.41 1.26
CA ARG B 237 -22.22 3.29 0.04
C ARG B 237 -22.19 4.66 -0.63
N LEU B 238 -21.57 4.77 -1.80
CA LEU B 238 -21.38 6.10 -2.42
C LEU B 238 -22.71 6.71 -2.85
N ARG B 239 -23.81 5.96 -2.80
CA ARG B 239 -25.04 6.48 -3.37
C ARG B 239 -25.49 7.76 -2.67
N TRP B 240 -25.36 7.81 -1.34
CA TRP B 240 -25.76 9.00 -0.61
C TRP B 240 -24.84 10.17 -0.92
N TYR B 241 -23.56 9.90 -1.20
CA TYR B 241 -22.65 10.98 -1.58
C TYR B 241 -23.02 11.57 -2.94
N TYR B 242 -23.40 10.71 -3.89
CA TYR B 242 -23.91 11.21 -5.17
C TYR B 242 -25.19 12.00 -4.98
N LEU B 243 -26.09 11.52 -4.12
CA LEU B 243 -27.33 12.24 -3.87
C LEU B 243 -27.07 13.61 -3.28
N LEU B 244 -26.17 13.70 -2.30
CA LEU B 244 -25.91 14.97 -1.63
C LEU B 244 -25.16 15.93 -2.54
N GLY B 245 -24.08 15.46 -3.18
CA GLY B 245 -23.26 16.36 -3.96
C GLY B 245 -23.97 16.90 -5.19
N TRP B 246 -24.69 16.05 -5.91
CA TRP B 246 -25.30 16.42 -7.18
C TRP B 246 -26.80 16.70 -7.08
N GLY B 247 -27.52 15.96 -6.24
CA GLY B 247 -28.97 16.07 -6.20
C GLY B 247 -29.51 17.19 -5.34
N PHE B 248 -29.08 17.26 -4.07
CA PHE B 248 -29.65 18.23 -3.15
C PHE B 248 -29.48 19.67 -3.60
N PRO B 249 -28.33 20.12 -4.13
CA PRO B 249 -28.17 21.53 -4.49
C PRO B 249 -29.22 22.03 -5.47
N LEU B 250 -29.98 21.11 -6.07
CA LEU B 250 -31.01 21.49 -7.04
C LEU B 250 -32.28 22.00 -6.38
N VAL B 251 -32.51 21.70 -5.11
CA VAL B 251 -33.73 22.11 -4.42
C VAL B 251 -33.67 23.60 -4.11
N PRO B 252 -32.69 24.06 -3.34
CA PRO B 252 -32.60 25.49 -3.06
C PRO B 252 -32.45 26.35 -4.31
N THR B 253 -31.75 25.85 -5.33
CA THR B 253 -31.64 26.60 -6.57
C THR B 253 -33.00 26.78 -7.23
N THR B 254 -33.80 25.71 -7.28
CA THR B 254 -35.13 25.81 -7.86
C THR B 254 -36.01 26.77 -7.05
N ILE B 255 -35.95 26.68 -5.73
CA ILE B 255 -36.76 27.56 -4.89
C ILE B 255 -36.36 29.02 -5.13
N HIS B 256 -35.06 29.29 -5.16
CA HIS B 256 -34.58 30.65 -5.41
C HIS B 256 -35.01 31.15 -6.78
N ALA B 257 -34.92 30.28 -7.79
CA ALA B 257 -35.34 30.68 -9.14
C ALA B 257 -36.81 31.06 -9.16
N ILE B 258 -37.65 30.23 -8.52
CA ILE B 258 -39.09 30.53 -8.47
C ILE B 258 -39.33 31.85 -7.75
N THR B 259 -38.68 32.04 -6.60
CA THR B 259 -38.90 33.26 -5.83
C THR B 259 -38.46 34.50 -6.61
N ARG B 260 -37.31 34.41 -7.29
CA ARG B 260 -36.84 35.54 -8.08
C ARG B 260 -37.76 35.82 -9.27
N ALA B 261 -38.30 34.77 -9.88
CA ALA B 261 -39.29 34.96 -10.93
C ALA B 261 -40.62 35.47 -10.39
N VAL B 262 -40.82 35.42 -9.07
CA VAL B 262 -42.07 35.90 -8.48
C VAL B 262 -41.86 37.27 -7.84
N TYR B 263 -40.97 37.36 -6.86
CA TYR B 263 -40.82 38.57 -6.07
C TYR B 263 -39.85 39.58 -6.68
N PHE B 264 -38.64 39.16 -7.00
CA PHE B 264 -37.58 40.12 -7.31
C PHE B 264 -37.01 39.86 -8.69
N ASN B 265 -37.89 39.67 -9.68
CA ASN B 265 -37.42 39.57 -11.06
C ASN B 265 -36.73 40.86 -11.47
N ASP B 266 -35.54 40.72 -12.05
CA ASP B 266 -34.75 41.86 -12.51
C ASP B 266 -34.05 41.46 -13.79
N ASN B 267 -33.26 42.38 -14.34
CA ASN B 267 -32.67 42.15 -15.65
C ASN B 267 -31.66 41.01 -15.58
N CYS B 268 -32.07 39.83 -16.05
CA CYS B 268 -31.21 38.65 -16.18
C CYS B 268 -30.74 38.11 -14.83
N TRP B 269 -31.35 38.55 -13.73
CA TRP B 269 -31.06 37.99 -12.40
C TRP B 269 -29.58 38.12 -12.02
N LEU B 270 -29.00 39.29 -12.29
CA LEU B 270 -27.61 39.55 -11.93
C LEU B 270 -27.45 40.31 -10.62
N SER B 271 -28.54 40.76 -10.01
CA SER B 271 -28.45 41.59 -8.81
C SER B 271 -28.11 40.74 -7.59
N VAL B 272 -27.22 41.26 -6.74
CA VAL B 272 -26.89 40.63 -5.47
C VAL B 272 -27.47 41.39 -4.29
N GLU B 273 -28.34 42.36 -4.54
CA GLU B 273 -28.92 43.20 -3.49
C GLU B 273 -30.22 42.64 -2.93
N THR B 274 -30.63 41.45 -3.36
CA THR B 274 -31.85 40.82 -2.86
C THR B 274 -31.49 39.85 -1.75
N HIS B 275 -32.24 39.91 -0.65
CA HIS B 275 -32.03 39.00 0.48
C HIS B 275 -32.41 37.57 0.10
N LEU B 276 -32.87 37.38 -1.15
CA LEU B 276 -33.27 36.07 -1.64
C LEU B 276 -32.09 35.18 -1.99
N LEU B 277 -30.88 35.74 -2.14
CA LEU B 277 -29.69 34.92 -2.39
C LEU B 277 -29.36 34.03 -1.20
N TYR B 278 -29.83 34.39 -0.01
CA TYR B 278 -29.59 33.53 1.15
C TYR B 278 -30.24 32.17 0.99
N ILE B 279 -31.29 32.05 0.18
CA ILE B 279 -31.90 30.75 -0.05
C ILE B 279 -30.85 29.72 -0.45
N ILE B 280 -29.91 30.14 -1.29
CA ILE B 280 -28.82 29.27 -1.71
C ILE B 280 -27.64 29.34 -0.74
N HIS B 281 -27.20 30.55 -0.40
CA HIS B 281 -25.93 30.66 0.32
C HIS B 281 -26.02 30.14 1.76
N GLY B 282 -27.16 30.32 2.43
CA GLY B 282 -27.33 29.87 3.79
C GLY B 282 -26.94 28.41 4.00
N PRO B 283 -27.63 27.50 3.30
CA PRO B 283 -27.29 26.08 3.43
C PRO B 283 -25.84 25.79 3.10
N VAL B 284 -25.27 26.49 2.13
CA VAL B 284 -23.84 26.33 1.84
C VAL B 284 -23.01 26.70 3.06
N MET B 285 -23.37 27.80 3.71
CA MET B 285 -22.64 28.23 4.91
C MET B 285 -22.77 27.20 6.02
N ALA B 286 -23.96 26.64 6.21
CA ALA B 286 -24.14 25.62 7.24
C ALA B 286 -23.31 24.38 6.95
N ALA B 287 -23.29 23.94 5.69
CA ALA B 287 -22.47 22.79 5.31
C ALA B 287 -21.00 23.07 5.56
N LEU B 288 -20.55 24.28 5.23
CA LEU B 288 -19.13 24.61 5.45
C LEU B 288 -18.80 24.71 6.93
N VAL B 289 -19.74 25.15 7.76
CA VAL B 289 -19.52 25.16 9.21
C VAL B 289 -19.42 23.74 9.73
N VAL B 290 -20.28 22.84 9.23
CA VAL B 290 -20.17 21.44 9.60
C VAL B 290 -18.81 20.88 9.19
N ASN B 291 -18.33 21.29 8.02
CA ASN B 291 -17.00 20.87 7.57
C ASN B 291 -15.91 21.41 8.50
N PHE B 292 -16.08 22.63 8.98
CA PHE B 292 -15.14 23.20 9.95
C PHE B 292 -15.09 22.38 11.23
N PHE B 293 -16.26 21.99 11.75
CA PHE B 293 -16.28 21.13 12.93
C PHE B 293 -15.64 19.78 12.65
N PHE B 294 -15.89 19.22 11.45
CA PHE B 294 -15.22 17.99 11.06
C PHE B 294 -13.71 18.14 11.10
N LEU B 295 -13.20 19.26 10.57
CA LEU B 295 -11.77 19.51 10.57
C LEU B 295 -11.24 19.59 12.00
N LEU B 296 -11.97 20.28 12.88
CA LEU B 296 -11.52 20.37 14.27
C LEU B 296 -11.43 18.99 14.91
N ASN B 297 -12.47 18.16 14.71
CA ASN B 297 -12.46 16.82 15.29
C ASN B 297 -11.32 15.98 14.73
N ILE B 298 -11.09 16.07 13.41
CA ILE B 298 -10.03 15.28 12.79
C ILE B 298 -8.67 15.70 13.33
N VAL B 299 -8.45 17.00 13.49
CA VAL B 299 -7.18 17.48 14.03
C VAL B 299 -7.01 17.01 15.47
N ARG B 300 -8.10 17.01 16.25
CA ARG B 300 -8.02 16.48 17.61
C ARG B 300 -7.61 15.02 17.62
N VAL B 301 -8.20 14.22 16.74
CA VAL B 301 -7.87 12.80 16.67
C VAL B 301 -6.40 12.61 16.28
N LEU B 302 -5.94 13.40 15.31
CA LEU B 302 -4.54 13.30 14.90
C LEU B 302 -3.59 13.67 16.03
N VAL B 303 -3.92 14.73 16.78
CA VAL B 303 -3.07 15.16 17.89
C VAL B 303 -3.02 14.08 18.95
N THR B 304 -4.17 13.45 19.24
CA THR B 304 -4.17 12.36 20.20
C THR B 304 -3.38 11.14 19.70
N LYS B 305 -3.43 10.87 18.41
CA LYS B 305 -2.65 9.76 17.85
C LYS B 305 -1.16 10.03 18.00
N MET B 306 -0.73 11.25 17.69
CA MET B 306 0.67 11.58 17.87
C MET B 306 1.06 11.53 19.35
N ARG B 307 0.17 11.98 20.24
CA ARG B 307 0.46 11.95 21.67
C ARG B 307 0.64 10.52 22.17
N GLU B 308 -0.19 9.59 21.70
CA GLU B 308 -0.10 8.21 22.17
C GLU B 308 1.27 7.61 21.87
N THR B 309 1.88 8.01 20.76
CA THR B 309 3.22 7.55 20.40
C THR B 309 4.31 8.36 21.08
N HIS B 310 3.95 9.42 21.82
CA HIS B 310 4.93 10.30 22.46
C HIS B 310 5.77 11.03 21.41
N GLU B 311 5.11 11.53 20.37
CA GLU B 311 5.81 12.28 19.33
C GLU B 311 6.36 13.59 19.90
N ALA B 312 7.46 14.04 19.32
CA ALA B 312 8.06 15.31 19.74
C ALA B 312 7.06 16.44 19.59
N GLU B 313 7.07 17.35 20.58
CA GLU B 313 6.09 18.43 20.58
C GLU B 313 6.24 19.32 19.34
N SER B 314 7.47 19.68 18.98
CA SER B 314 7.67 20.49 17.79
C SER B 314 7.21 19.75 16.53
N HIS B 315 7.57 18.46 16.42
CA HIS B 315 7.09 17.66 15.30
C HIS B 315 5.57 17.53 15.33
N MET B 316 5.00 17.38 16.54
CA MET B 316 3.55 17.30 16.66
C MET B 316 2.87 18.56 16.11
N TYR B 317 3.37 19.74 16.51
CA TYR B 317 2.77 20.98 16.03
C TYR B 317 2.97 21.16 14.53
N LEU B 318 4.17 20.85 14.04
CA LEU B 318 4.40 20.98 12.60
C LEU B 318 3.46 20.07 11.81
N LYS B 319 3.29 18.83 12.26
CA LYS B 319 2.46 17.88 11.53
C LYS B 319 0.99 18.23 11.63
N ALA B 320 0.53 18.71 12.78
CA ALA B 320 -0.86 19.08 12.94
C ALA B 320 -1.18 20.44 12.33
N VAL B 321 -0.16 21.22 11.95
CA VAL B 321 -0.38 22.41 11.15
C VAL B 321 -0.37 22.10 9.66
N LYS B 322 0.52 21.20 9.22
CA LYS B 322 0.49 20.75 7.84
C LYS B 322 -0.84 20.07 7.51
N ALA B 323 -1.35 19.24 8.43
CA ALA B 323 -2.62 18.58 8.19
C ALA B 323 -3.74 19.59 8.01
N THR B 324 -3.81 20.59 8.90
CA THR B 324 -4.85 21.61 8.78
C THR B 324 -4.71 22.40 7.49
N MET B 325 -3.47 22.76 7.13
CA MET B 325 -3.27 23.55 5.93
C MET B 325 -3.69 22.78 4.68
N ILE B 326 -3.38 21.49 4.63
CA ILE B 326 -3.78 20.69 3.47
C ILE B 326 -5.27 20.38 3.48
N LEU B 327 -5.90 20.32 4.65
CA LEU B 327 -7.34 20.08 4.70
C LEU B 327 -8.14 21.31 4.37
N VAL B 328 -7.60 22.51 4.62
CA VAL B 328 -8.36 23.74 4.38
C VAL B 328 -8.85 23.82 2.94
N PRO B 329 -8.01 23.66 1.92
CA PRO B 329 -8.52 23.72 0.54
C PRO B 329 -9.55 22.65 0.24
N LEU B 330 -9.43 21.47 0.82
CA LEU B 330 -10.34 20.38 0.48
C LEU B 330 -11.75 20.64 1.01
N LEU B 331 -11.85 21.10 2.26
CA LEU B 331 -13.14 21.31 2.90
C LEU B 331 -13.68 22.72 2.74
N GLY B 332 -12.97 23.59 2.02
CA GLY B 332 -13.46 24.94 1.82
C GLY B 332 -13.58 25.75 3.10
N ILE B 333 -12.56 25.66 3.97
CA ILE B 333 -12.62 26.37 5.25
C ILE B 333 -12.41 27.88 5.07
N GLN B 334 -11.84 28.32 3.96
CA GLN B 334 -11.65 29.75 3.74
C GLN B 334 -12.95 30.50 3.61
N PHE B 335 -14.07 29.81 3.37
CA PHE B 335 -15.38 30.42 3.34
C PHE B 335 -15.99 30.56 4.73
N VAL B 336 -15.32 30.06 5.77
CA VAL B 336 -15.82 30.13 7.13
C VAL B 336 -15.00 31.06 8.02
N VAL B 337 -13.70 31.20 7.74
CA VAL B 337 -12.81 31.94 8.63
C VAL B 337 -12.49 33.33 8.07
N PHE B 338 -13.27 33.81 7.11
CA PHE B 338 -13.10 35.17 6.57
C PHE B 338 -14.45 35.89 6.54
N PRO B 339 -15.08 36.06 7.70
CA PRO B 339 -16.40 36.71 7.73
C PRO B 339 -16.35 38.23 7.73
N TRP B 340 -15.30 38.80 8.33
CA TRP B 340 -15.24 40.24 8.61
C TRP B 340 -14.18 40.89 7.74
N ARG B 341 -14.60 41.83 6.91
CA ARG B 341 -13.66 42.66 6.15
C ARG B 341 -13.33 43.91 6.97
N PRO B 342 -12.07 44.14 7.32
CA PRO B 342 -11.74 45.31 8.14
C PRO B 342 -12.12 46.61 7.44
N SER B 343 -12.59 47.57 8.25
CA SER B 343 -13.00 48.86 7.68
C SER B 343 -11.80 49.61 7.10
N ASN B 344 -10.63 49.49 7.73
CA ASN B 344 -9.46 50.21 7.26
C ASN B 344 -9.16 49.86 5.81
N LYS B 345 -8.83 50.88 5.02
CA LYS B 345 -8.69 50.70 3.58
C LYS B 345 -7.56 49.71 3.24
N MET B 346 -6.41 49.85 3.91
CA MET B 346 -5.30 48.95 3.63
C MET B 346 -5.63 47.52 4.05
N LEU B 347 -6.19 47.37 5.25
CA LEU B 347 -6.58 46.04 5.73
C LEU B 347 -7.67 45.44 4.84
N GLY B 348 -8.64 46.27 4.42
CA GLY B 348 -9.67 45.77 3.53
C GLY B 348 -9.12 45.32 2.19
N LYS B 349 -8.17 46.08 1.64
CA LYS B 349 -7.53 45.69 0.38
C LYS B 349 -6.80 44.36 0.54
N ILE B 350 -6.05 44.21 1.63
CA ILE B 350 -5.34 42.96 1.85
C ILE B 350 -6.32 41.80 2.01
N TYR B 351 -7.42 42.03 2.72
CA TYR B 351 -8.45 41.01 2.88
C TYR B 351 -9.04 40.61 1.54
N ASP B 352 -9.38 41.59 0.70
CA ASP B 352 -9.94 41.27 -0.60
C ASP B 352 -8.98 40.44 -1.43
N TYR B 353 -7.70 40.85 -1.46
CA TYR B 353 -6.72 40.10 -2.23
C TYR B 353 -6.59 38.68 -1.72
N VAL B 354 -6.47 38.50 -0.39
CA VAL B 354 -6.27 37.17 0.17
C VAL B 354 -7.48 36.30 -0.13
N MET B 355 -8.69 36.83 0.09
CA MET B 355 -9.90 36.04 -0.11
C MET B 355 -10.04 35.61 -1.57
N HIS B 356 -9.82 36.55 -2.50
CA HIS B 356 -9.98 36.20 -3.91
C HIS B 356 -8.90 35.21 -4.36
N SER B 357 -7.66 35.39 -3.89
CA SER B 357 -6.61 34.45 -4.23
C SER B 357 -6.94 33.06 -3.73
N LEU B 358 -7.46 32.95 -2.50
CA LEU B 358 -7.84 31.65 -1.96
C LEU B 358 -8.99 31.04 -2.74
N ILE B 359 -9.96 31.87 -3.13
CA ILE B 359 -11.17 31.35 -3.77
C ILE B 359 -10.86 30.85 -5.18
N HIS B 360 -10.31 31.73 -6.02
CA HIS B 360 -10.16 31.40 -7.43
C HIS B 360 -9.15 30.28 -7.66
N PHE B 361 -8.11 30.21 -6.82
CA PHE B 361 -7.06 29.22 -6.96
C PHE B 361 -7.31 27.96 -6.15
N GLN B 362 -8.50 27.80 -5.55
CA GLN B 362 -8.76 26.65 -4.71
C GLN B 362 -8.66 25.35 -5.49
N GLY B 363 -9.20 25.32 -6.70
CA GLY B 363 -9.09 24.12 -7.52
C GLY B 363 -7.66 23.73 -7.81
N PHE B 364 -6.81 24.72 -8.13
CA PHE B 364 -5.40 24.44 -8.36
C PHE B 364 -4.73 23.90 -7.11
N PHE B 365 -5.06 24.48 -5.95
CA PHE B 365 -4.51 23.99 -4.69
C PHE B 365 -4.89 22.54 -4.45
N VAL B 366 -6.17 22.22 -4.66
CA VAL B 366 -6.65 20.86 -4.43
C VAL B 366 -5.95 19.88 -5.36
N ALA B 367 -5.87 20.24 -6.66
CA ALA B 367 -5.22 19.36 -7.61
C ALA B 367 -3.76 19.13 -7.23
N THR B 368 -3.03 20.21 -6.95
CA THR B 368 -1.62 20.07 -6.60
C THR B 368 -1.44 19.20 -5.36
N ILE B 369 -2.23 19.46 -4.32
CA ILE B 369 -2.02 18.77 -3.06
C ILE B 369 -2.39 17.28 -3.18
N TYR B 370 -3.55 16.98 -3.74
CA TYR B 370 -4.09 15.63 -3.68
C TYR B 370 -3.76 14.79 -4.91
N CYS B 371 -3.14 15.35 -5.94
CA CYS B 371 -2.74 14.55 -7.10
C CYS B 371 -1.24 14.57 -7.32
N PHE B 372 -0.62 15.75 -7.38
CA PHE B 372 0.80 15.84 -7.73
C PHE B 372 1.70 15.51 -6.54
N CYS B 373 1.27 15.81 -5.32
CA CYS B 373 2.06 15.51 -4.14
C CYS B 373 1.77 14.13 -3.57
N ASN B 374 0.79 13.42 -4.10
CA ASN B 374 0.46 12.09 -3.59
C ASN B 374 1.57 11.10 -3.91
N ASN B 375 2.00 10.35 -2.91
CA ASN B 375 3.09 9.40 -3.10
C ASN B 375 2.72 8.33 -4.12
N GLU B 376 1.50 7.80 -4.02
CA GLU B 376 1.08 6.75 -4.95
C GLU B 376 1.08 7.25 -6.39
N VAL B 377 0.57 8.46 -6.62
CA VAL B 377 0.53 9.00 -7.97
C VAL B 377 1.94 9.15 -8.52
N GLN B 378 2.85 9.71 -7.72
CA GLN B 378 4.23 9.89 -8.17
C GLN B 378 4.88 8.56 -8.49
N THR B 379 4.71 7.57 -7.61
CA THR B 379 5.34 6.27 -7.83
C THR B 379 4.80 5.60 -9.09
N THR B 380 3.48 5.63 -9.27
CA THR B 380 2.89 5.01 -10.44
C THR B 380 3.34 5.70 -11.72
N VAL B 381 3.36 7.04 -11.72
CA VAL B 381 3.78 7.77 -12.90
C VAL B 381 5.23 7.46 -13.23
N LYS B 382 6.09 7.43 -12.21
CA LYS B 382 7.50 7.15 -12.44
C LYS B 382 7.70 5.76 -12.99
N ARG B 383 6.99 4.77 -12.43
CA ARG B 383 7.14 3.40 -12.92
C ARG B 383 6.62 3.25 -14.33
N GLN B 384 5.54 3.97 -14.68
CA GLN B 384 5.03 3.90 -16.04
C GLN B 384 5.98 4.59 -17.01
N TRP B 385 6.66 5.65 -16.56
CA TRP B 385 7.50 6.46 -17.45
C TRP B 385 8.65 5.67 -18.07
N ALA B 386 8.97 4.49 -17.54
CA ALA B 386 10.01 3.67 -18.15
C ALA B 386 9.73 3.43 -19.62
N GLN B 387 8.47 3.19 -19.97
CA GLN B 387 8.08 3.01 -21.37
C GLN B 387 7.17 4.13 -21.83
N ASP C 11 -23.56 -21.53 -33.12
CA ASP C 11 -22.37 -21.00 -33.81
C ASP C 11 -21.42 -20.34 -32.82
N GLN C 12 -20.37 -19.71 -33.35
CA GLN C 12 -19.40 -19.03 -32.50
C GLN C 12 -20.05 -17.90 -31.72
N ARG C 13 -20.93 -17.14 -32.38
CA ARG C 13 -21.60 -16.04 -31.69
C ARG C 13 -22.42 -16.54 -30.50
N ASN C 14 -22.90 -17.79 -30.56
CA ASN C 14 -23.56 -18.37 -29.41
C ASN C 14 -22.58 -18.79 -28.33
N GLU C 15 -21.37 -19.22 -28.73
CA GLU C 15 -20.35 -19.56 -27.74
C GLU C 15 -19.87 -18.31 -27.00
N GLU C 16 -19.61 -17.22 -27.74
CA GLU C 16 -19.18 -15.98 -27.10
C GLU C 16 -20.27 -15.43 -26.20
N LYS C 17 -21.53 -15.53 -26.63
CA LYS C 17 -22.64 -15.08 -25.78
C LYS C 17 -22.69 -15.89 -24.49
N ALA C 18 -22.51 -17.21 -24.58
CA ALA C 18 -22.51 -18.03 -23.38
C ALA C 18 -21.33 -17.68 -22.47
N GLN C 19 -20.16 -17.42 -23.06
CA GLN C 19 -19.00 -17.08 -22.25
C GLN C 19 -19.18 -15.74 -21.54
N ARG C 20 -19.90 -14.80 -22.16
CA ARG C 20 -20.17 -13.53 -21.48
C ARG C 20 -21.15 -13.71 -20.34
N GLU C 21 -22.18 -14.53 -20.54
CA GLU C 21 -23.12 -14.81 -19.45
C GLU C 21 -22.41 -15.54 -18.30
N ALA C 22 -21.57 -16.52 -18.62
CA ALA C 22 -20.83 -17.22 -17.58
C ALA C 22 -19.91 -16.27 -16.84
N ASN C 23 -19.21 -15.40 -17.58
CA ASN C 23 -18.36 -14.40 -16.93
C ASN C 23 -19.18 -13.44 -16.09
N LYS C 24 -20.34 -13.01 -16.61
CA LYS C 24 -21.18 -12.07 -15.87
C LYS C 24 -21.63 -12.67 -14.54
N LYS C 25 -22.07 -13.92 -14.56
CA LYS C 25 -22.55 -14.56 -13.34
C LYS C 25 -21.43 -14.68 -12.30
N ILE C 26 -20.23 -15.04 -12.75
CA ILE C 26 -19.10 -15.17 -11.82
C ILE C 26 -18.74 -13.79 -11.26
N GLU C 27 -18.82 -12.75 -12.08
CA GLU C 27 -18.54 -11.40 -11.59
C GLU C 27 -19.51 -10.99 -10.49
N LYS C 28 -20.75 -11.49 -10.54
CA LYS C 28 -21.71 -11.16 -9.50
C LYS C 28 -21.32 -11.77 -8.16
N GLN C 29 -20.96 -13.05 -8.16
CA GLN C 29 -20.55 -13.70 -6.91
C GLN C 29 -19.28 -13.07 -6.36
N LEU C 30 -18.34 -12.71 -7.22
CA LEU C 30 -17.10 -12.10 -6.75
C LEU C 30 -17.36 -10.75 -6.10
N GLN C 31 -18.33 -9.99 -6.61
CA GLN C 31 -18.68 -8.72 -5.98
C GLN C 31 -19.15 -8.93 -4.55
N LYS C 32 -20.00 -9.93 -4.33
CA LYS C 32 -20.42 -10.25 -2.96
C LYS C 32 -19.28 -10.89 -2.19
N ASP C 33 -18.43 -11.67 -2.85
CA ASP C 33 -17.29 -12.27 -2.17
C ASP C 33 -16.33 -11.20 -1.66
N LYS C 34 -16.20 -10.10 -2.40
CA LYS C 34 -15.32 -9.01 -1.98
C LYS C 34 -15.89 -8.25 -0.78
N GLN C 35 -17.21 -8.28 -0.59
CA GLN C 35 -17.81 -7.61 0.55
C GLN C 35 -17.42 -8.30 1.86
N VAL C 36 -17.55 -9.62 1.90
CA VAL C 36 -17.21 -10.36 3.11
C VAL C 36 -15.71 -10.27 3.41
N TYR C 37 -14.89 -10.42 2.37
CA TYR C 37 -13.43 -10.39 2.57
C TYR C 37 -12.98 -9.04 3.10
N ARG C 38 -13.49 -7.95 2.52
CA ARG C 38 -13.06 -6.62 2.95
C ARG C 38 -13.58 -6.28 4.35
N ALA C 39 -14.68 -6.89 4.76
CA ALA C 39 -15.31 -6.57 6.03
C ALA C 39 -14.83 -7.45 7.18
N THR C 40 -13.88 -8.35 6.93
CA THR C 40 -13.34 -9.23 7.96
C THR C 40 -11.84 -8.99 8.10
N HIS C 41 -11.38 -8.90 9.34
CA HIS C 41 -9.97 -8.66 9.64
C HIS C 41 -9.28 -9.98 9.93
N ARG C 42 -8.15 -10.22 9.27
CA ARG C 42 -7.39 -11.45 9.42
C ARG C 42 -6.23 -11.23 10.38
N LEU C 43 -6.05 -12.17 11.31
CA LEU C 43 -5.03 -12.07 12.33
C LEU C 43 -4.22 -13.37 12.35
N LEU C 44 -2.90 -13.23 12.41
CA LEU C 44 -2.00 -14.36 12.56
C LEU C 44 -1.60 -14.48 14.02
N LEU C 45 -1.91 -15.62 14.63
CA LEU C 45 -1.54 -15.89 16.02
C LEU C 45 -0.21 -16.61 16.03
N LEU C 46 0.77 -16.04 16.73
CA LEU C 46 2.14 -16.55 16.74
C LEU C 46 2.59 -16.76 18.18
N GLY C 47 3.30 -17.86 18.40
CA GLY C 47 3.82 -18.18 19.71
C GLY C 47 5.31 -18.47 19.66
N ALA C 48 6.01 -18.05 20.72
CA ALA C 48 7.44 -18.30 20.85
C ALA C 48 7.74 -19.63 21.55
N GLY C 49 6.71 -20.36 21.98
CA GLY C 49 6.91 -21.61 22.67
C GLY C 49 6.44 -21.54 24.11
N GLU C 50 5.57 -22.48 24.51
CA GLU C 50 5.04 -22.54 25.87
C GLU C 50 4.55 -21.18 26.35
N SER C 51 4.13 -20.32 25.41
CA SER C 51 3.72 -18.97 25.75
C SER C 51 2.33 -18.89 26.37
N GLY C 52 1.53 -19.96 26.25
CA GLY C 52 0.18 -19.94 26.76
C GLY C 52 -0.86 -19.48 25.77
N LYS C 53 -0.54 -19.41 24.48
CA LYS C 53 -1.51 -18.98 23.48
C LYS C 53 -2.64 -19.99 23.33
N ASN C 54 -2.36 -21.28 23.59
CA ASN C 54 -3.41 -22.29 23.49
C ASN C 54 -4.51 -22.02 24.50
N THR C 55 -4.13 -21.68 25.75
CA THR C 55 -5.13 -21.33 26.74
C THR C 55 -5.89 -20.06 26.34
N ILE C 56 -5.17 -19.09 25.78
CA ILE C 56 -5.81 -17.87 25.31
C ILE C 56 -6.80 -18.19 24.20
N VAL C 57 -6.41 -19.07 23.27
CA VAL C 57 -7.30 -19.47 22.19
C VAL C 57 -8.57 -20.10 22.75
N LYS C 58 -8.42 -20.93 23.79
CA LYS C 58 -9.60 -21.51 24.43
C LYS C 58 -10.54 -20.43 24.94
N GLN C 59 -10.00 -19.27 25.30
CA GLN C 59 -10.80 -18.11 25.70
C GLN C 59 -11.31 -17.32 24.50
N MET C 60 -11.20 -17.86 23.29
CA MET C 60 -11.61 -17.15 22.09
C MET C 60 -10.87 -15.82 21.94
N THR C 204 -3.88 -34.58 8.64
CA THR C 204 -2.86 -33.55 8.73
C THR C 204 -3.46 -32.17 8.51
N SER C 205 -3.50 -31.36 9.57
CA SER C 205 -4.02 -30.01 9.52
C SER C 205 -2.89 -29.05 9.86
N GLY C 206 -2.50 -28.23 8.89
CA GLY C 206 -1.42 -27.28 9.08
C GLY C 206 -1.82 -25.93 9.63
N ILE C 207 -3.11 -25.59 9.60
CA ILE C 207 -3.60 -24.30 10.06
C ILE C 207 -4.89 -24.51 10.83
N PHE C 208 -5.02 -23.80 11.95
CA PHE C 208 -6.25 -23.79 12.74
C PHE C 208 -6.89 -22.42 12.66
N GLU C 209 -8.22 -22.40 12.80
CA GLU C 209 -9.00 -21.18 12.64
C GLU C 209 -9.94 -20.99 13.83
N THR C 210 -10.12 -19.73 14.23
CA THR C 210 -11.06 -19.37 15.28
C THR C 210 -11.65 -18.00 14.95
N LYS C 211 -12.96 -17.97 14.72
CA LYS C 211 -13.66 -16.75 14.34
C LYS C 211 -14.45 -16.22 15.54
N PHE C 212 -14.33 -14.93 15.81
CA PHE C 212 -15.01 -14.30 16.93
C PHE C 212 -15.46 -12.90 16.53
N GLN C 213 -16.47 -12.40 17.24
CA GLN C 213 -17.11 -11.14 16.92
C GLN C 213 -16.98 -10.17 18.08
N VAL C 214 -16.60 -8.93 17.78
CA VAL C 214 -16.52 -7.86 18.78
C VAL C 214 -17.23 -6.64 18.20
N ASP C 215 -18.34 -6.25 18.83
CA ASP C 215 -19.10 -5.07 18.42
C ASP C 215 -19.47 -5.14 16.94
N LYS C 216 -20.07 -6.27 16.54
CA LYS C 216 -20.53 -6.53 15.18
C LYS C 216 -19.39 -6.56 14.17
N VAL C 217 -18.14 -6.63 14.63
CA VAL C 217 -16.98 -6.61 13.75
C VAL C 217 -16.42 -8.02 13.64
N ASN C 218 -16.22 -8.49 12.42
CA ASN C 218 -15.72 -9.83 12.17
C ASN C 218 -14.21 -9.90 12.38
N PHE C 219 -13.75 -10.93 13.08
CA PHE C 219 -12.33 -11.19 13.26
C PHE C 219 -12.04 -12.64 12.90
N HIS C 220 -10.93 -12.86 12.20
CA HIS C 220 -10.52 -14.17 11.73
C HIS C 220 -9.07 -14.39 12.15
N MET C 221 -8.85 -15.31 13.09
CA MET C 221 -7.52 -15.57 13.65
C MET C 221 -7.06 -16.95 13.23
N PHE C 222 -5.78 -17.03 12.82
CA PHE C 222 -5.18 -18.26 12.25
C PHE C 222 -3.99 -18.72 13.10
N ASP C 223 -3.97 -19.99 13.48
CA ASP C 223 -2.85 -20.56 14.27
C ASP C 223 -2.17 -21.65 13.44
N VAL C 224 -0.84 -21.62 13.36
CA VAL C 224 -0.09 -22.60 12.53
C VAL C 224 0.01 -23.95 13.26
N GLY C 225 -0.31 -25.04 12.58
CA GLY C 225 -0.13 -26.39 13.16
C GLY C 225 0.59 -27.30 12.19
N ALA C 226 1.30 -28.32 12.65
CA ALA C 226 1.90 -29.28 11.69
C ALA C 226 2.73 -28.52 10.65
N GLN C 227 3.46 -27.49 11.07
CA GLN C 227 4.39 -26.77 10.15
C GLN C 227 5.76 -26.81 10.81
N ARG C 228 6.82 -26.97 10.03
CA ARG C 228 8.19 -27.09 10.59
C ARG C 228 8.63 -25.76 11.23
N ASP C 229 9.61 -25.81 12.13
CA ASP C 229 10.10 -24.60 12.84
C ASP C 229 10.72 -23.59 11.85
N GLU C 230 11.17 -24.06 10.68
CA GLU C 230 11.72 -23.14 9.65
C GLU C 230 10.61 -22.30 9.02
N ARG C 231 10.50 -21.03 9.41
CA ARG C 231 9.38 -20.19 9.01
C ARG C 231 9.69 -19.25 7.85
N ARG C 232 10.94 -19.18 7.39
CA ARG C 232 11.32 -18.13 6.47
C ARG C 232 10.55 -18.17 5.16
N LYS C 233 9.94 -19.31 4.82
CA LYS C 233 9.18 -19.41 3.58
C LYS C 233 7.69 -19.17 3.78
N TRP C 234 7.06 -19.92 4.68
CA TRP C 234 5.61 -19.84 4.83
C TRP C 234 5.16 -18.62 5.63
N ILE C 235 6.08 -17.93 6.30
CA ILE C 235 5.72 -16.69 6.99
C ILE C 235 5.35 -15.60 6.00
N GLN C 236 5.86 -15.67 4.77
CA GLN C 236 5.56 -14.64 3.77
C GLN C 236 4.08 -14.62 3.39
N CYS C 237 3.34 -15.68 3.69
CA CYS C 237 1.93 -15.72 3.32
C CYS C 237 1.13 -14.65 4.06
N PHE C 238 1.55 -14.28 5.26
CA PHE C 238 0.79 -13.38 6.13
C PHE C 238 1.26 -11.93 6.04
N ASN C 239 1.69 -11.50 4.85
CA ASN C 239 2.18 -10.14 4.66
C ASN C 239 1.05 -9.11 4.55
N ASP C 240 -0.21 -9.54 4.51
CA ASP C 240 -1.32 -8.62 4.34
C ASP C 240 -2.35 -8.71 5.46
N VAL C 241 -2.02 -9.38 6.57
CA VAL C 241 -2.97 -9.44 7.68
C VAL C 241 -3.02 -8.09 8.39
N THR C 242 -4.13 -7.87 9.10
CA THR C 242 -4.29 -6.61 9.84
C THR C 242 -3.22 -6.46 10.90
N ALA C 243 -2.94 -7.52 11.65
CA ALA C 243 -1.89 -7.50 12.66
C ALA C 243 -1.46 -8.92 12.96
N ILE C 244 -0.27 -9.04 13.54
CA ILE C 244 0.25 -10.32 14.02
C ILE C 244 0.23 -10.31 15.54
N ILE C 245 -0.43 -11.30 16.12
CA ILE C 245 -0.51 -11.42 17.58
C ILE C 245 0.66 -12.30 18.04
N PHE C 246 1.54 -11.73 18.85
CA PHE C 246 2.75 -12.40 19.28
C PHE C 246 2.64 -12.66 20.78
N VAL C 247 2.42 -13.92 21.14
CA VAL C 247 2.25 -14.33 22.53
C VAL C 247 3.59 -14.83 23.06
N VAL C 248 4.00 -14.31 24.21
CA VAL C 248 5.28 -14.66 24.82
C VAL C 248 5.08 -14.88 26.30
N ALA C 249 5.77 -15.89 26.84
CA ALA C 249 5.75 -16.16 28.27
C ALA C 249 6.79 -15.28 28.96
N SER C 250 6.32 -14.35 29.79
CA SER C 250 7.22 -13.44 30.48
C SER C 250 8.16 -14.18 31.42
N ASN C 264 16.55 -20.18 27.94
CA ASN C 264 16.47 -18.78 27.53
C ASN C 264 15.42 -18.59 26.45
N ARG C 265 14.17 -18.96 26.76
CA ARG C 265 13.10 -18.80 25.78
C ARG C 265 12.81 -17.33 25.49
N LEU C 266 13.00 -16.45 26.49
CA LEU C 266 12.74 -15.04 26.28
C LEU C 266 13.67 -14.45 25.23
N GLN C 267 14.95 -14.78 25.30
CA GLN C 267 15.88 -14.29 24.28
C GLN C 267 15.53 -14.86 22.91
N ALA C 268 15.15 -16.14 22.87
CA ALA C 268 14.71 -16.75 21.61
C ALA C 268 13.53 -15.97 21.04
N ALA C 269 12.53 -15.70 21.88
CA ALA C 269 11.37 -14.93 21.42
C ALA C 269 11.78 -13.56 20.89
N LEU C 270 12.84 -12.99 21.46
CA LEU C 270 13.30 -11.65 21.01
C LEU C 270 13.91 -11.74 19.60
N LYS C 271 14.73 -12.76 19.32
CA LYS C 271 15.32 -12.95 17.97
C LYS C 271 14.23 -13.19 16.93
N LEU C 272 13.22 -14.02 17.25
CA LEU C 272 12.08 -14.25 16.31
C LEU C 272 11.31 -12.95 16.05
N PHE C 273 11.05 -12.14 17.08
CA PHE C 273 10.36 -10.83 16.89
C PHE C 273 11.18 -9.89 15.99
N ASP C 274 12.50 -9.83 16.20
CA ASP C 274 13.37 -8.99 15.37
C ASP C 274 13.32 -9.45 13.90
N SER C 275 13.37 -10.77 13.68
CA SER C 275 13.23 -11.29 12.30
C SER C 275 11.90 -10.85 11.68
N ILE C 276 10.79 -11.00 12.41
CA ILE C 276 9.47 -10.63 11.90
C ILE C 276 9.41 -9.14 11.65
N TRP C 277 9.92 -8.34 12.58
CA TRP C 277 9.83 -6.89 12.46
C TRP C 277 10.60 -6.37 11.26
N ASN C 278 11.75 -6.99 10.94
CA ASN C 278 12.64 -6.47 9.92
C ASN C 278 12.60 -7.28 8.63
N ASN C 279 11.63 -8.17 8.46
CA ASN C 279 11.48 -8.90 7.16
C ASN C 279 10.95 -7.95 6.07
N LYS C 280 11.52 -7.99 4.86
CA LYS C 280 11.13 -7.05 3.77
C LYS C 280 9.65 -7.20 3.40
N TRP C 281 9.14 -8.43 3.35
CA TRP C 281 7.69 -8.67 3.09
C TRP C 281 6.76 -8.25 4.24
N LEU C 282 7.23 -8.25 5.49
CA LEU C 282 6.37 -7.95 6.67
C LEU C 282 6.59 -6.53 7.21
N ARG C 283 7.28 -5.65 6.47
CA ARG C 283 7.64 -4.28 6.95
C ARG C 283 6.43 -3.39 7.24
N ASP C 284 5.34 -3.57 6.51
CA ASP C 284 4.11 -2.73 6.71
C ASP C 284 3.11 -3.40 7.66
N THR C 285 3.47 -4.52 8.28
CA THR C 285 2.48 -5.28 9.12
C THR C 285 2.67 -4.97 10.60
N SER C 286 1.58 -4.64 11.29
CA SER C 286 1.65 -4.33 12.73
C SER C 286 1.70 -5.59 13.60
N VAL C 287 2.22 -5.45 14.82
CA VAL C 287 2.36 -6.60 15.75
C VAL C 287 1.71 -6.23 17.09
N ILE C 288 0.73 -7.04 17.51
CA ILE C 288 0.21 -6.92 18.86
C ILE C 288 0.95 -7.91 19.74
N LEU C 289 1.54 -7.41 20.83
CA LEU C 289 2.43 -8.20 21.66
C LEU C 289 1.74 -8.50 22.99
N PHE C 290 1.57 -9.79 23.28
CA PHE C 290 0.99 -10.24 24.54
C PHE C 290 2.09 -10.84 25.40
N LEU C 291 2.62 -10.05 26.34
CA LEU C 291 3.54 -10.57 27.35
C LEU C 291 2.73 -11.36 28.34
N ASN C 292 2.63 -12.67 28.12
CA ASN C 292 1.68 -13.52 28.83
C ASN C 292 2.26 -14.04 30.14
N LYS C 293 1.37 -14.55 30.99
CA LYS C 293 1.74 -15.18 32.25
C LYS C 293 2.40 -14.19 33.19
N GLN C 294 1.71 -13.08 33.45
CA GLN C 294 2.18 -12.13 34.44
C GLN C 294 2.15 -12.74 35.84
N ASP C 295 1.13 -13.53 36.15
CA ASP C 295 1.04 -14.15 37.47
C ASP C 295 2.21 -15.08 37.72
N LEU C 296 2.59 -15.88 36.72
CA LEU C 296 3.72 -16.77 36.88
C LEU C 296 5.01 -16.00 37.14
N LEU C 297 5.21 -14.90 36.42
CA LEU C 297 6.38 -14.07 36.66
C LEU C 297 6.35 -13.45 38.05
N ALA C 298 5.17 -13.15 38.57
CA ALA C 298 5.07 -12.53 39.89
C ALA C 298 5.61 -13.46 40.97
N GLU C 299 5.12 -14.70 41.01
CA GLU C 299 5.56 -15.62 42.06
C GLU C 299 7.05 -15.94 41.93
N LYS C 300 7.54 -16.13 40.71
CA LYS C 300 8.96 -16.37 40.52
C LYS C 300 9.78 -15.15 40.96
N VAL C 301 9.32 -13.95 40.63
CA VAL C 301 10.03 -12.74 41.04
C VAL C 301 10.01 -12.61 42.56
N LEU C 302 8.86 -12.86 43.18
CA LEU C 302 8.76 -12.69 44.63
C LEU C 302 9.68 -13.67 45.36
N ALA C 303 9.71 -14.93 44.92
CA ALA C 303 10.55 -15.92 45.58
C ALA C 303 12.02 -15.55 45.48
N GLY C 304 12.46 -15.11 44.30
CA GLY C 304 13.84 -14.72 44.09
C GLY C 304 14.79 -15.86 43.81
N LYS C 305 14.31 -17.11 43.75
CA LYS C 305 15.19 -18.23 43.48
C LYS C 305 15.81 -18.12 42.08
N SER C 306 15.07 -17.55 41.13
CA SER C 306 15.58 -17.27 39.80
C SER C 306 15.61 -15.77 39.56
N LYS C 307 16.56 -15.33 38.76
CA LYS C 307 16.78 -13.91 38.51
C LYS C 307 16.82 -13.65 37.01
N ILE C 308 16.42 -12.43 36.62
CA ILE C 308 16.58 -11.98 35.24
C ILE C 308 17.98 -11.45 34.97
N GLU C 309 18.78 -11.22 36.02
CA GLU C 309 20.11 -10.69 35.83
C GLU C 309 21.03 -11.68 35.14
N ASP C 310 20.85 -12.98 35.40
CA ASP C 310 21.71 -13.98 34.78
C ASP C 310 21.53 -14.01 33.27
N TYR C 311 20.31 -13.85 32.79
CA TYR C 311 20.03 -13.89 31.36
C TYR C 311 20.08 -12.51 30.71
N PHE C 312 19.97 -11.43 31.48
CA PHE C 312 20.03 -10.08 30.95
C PHE C 312 20.78 -9.20 31.94
N PRO C 313 22.10 -9.04 31.73
CA PRO C 313 22.89 -8.24 32.68
C PRO C 313 22.49 -6.77 32.75
N GLU C 314 21.79 -6.25 31.74
CA GLU C 314 21.39 -4.86 31.77
C GLU C 314 20.30 -4.58 32.81
N PHE C 315 19.70 -5.62 33.40
CA PHE C 315 18.65 -5.42 34.38
C PHE C 315 19.13 -4.70 35.63
N ALA C 316 20.43 -4.78 35.94
CA ALA C 316 20.94 -4.13 37.13
C ALA C 316 20.81 -2.62 37.05
N ARG C 317 21.05 -2.04 35.87
CA ARG C 317 21.03 -0.60 35.68
C ARG C 317 19.68 -0.09 35.19
N TYR C 318 18.66 -0.94 35.16
CA TYR C 318 17.33 -0.54 34.71
C TYR C 318 16.50 -0.06 35.89
N THR C 319 15.71 0.99 35.65
CA THR C 319 14.80 1.54 36.64
C THR C 319 13.39 1.58 36.06
N THR C 320 12.40 1.39 36.91
CA THR C 320 11.02 1.38 36.45
C THR C 320 10.71 2.69 35.74
N PRO C 321 10.11 2.65 34.55
CA PRO C 321 9.85 3.89 33.81
C PRO C 321 8.91 4.80 34.58
N GLU C 322 9.09 6.11 34.39
CA GLU C 322 8.19 7.10 34.94
C GLU C 322 6.84 7.12 34.24
N ASP C 323 6.70 6.42 33.12
CA ASP C 323 5.42 6.23 32.45
C ASP C 323 4.77 4.91 32.83
N ALA C 324 5.24 4.29 33.91
CA ALA C 324 4.72 2.99 34.35
C ALA C 324 3.45 3.17 35.17
N THR C 325 2.52 2.23 34.99
CA THR C 325 1.24 2.23 35.70
C THR C 325 1.02 0.87 36.32
N PRO C 326 1.77 0.54 37.38
CA PRO C 326 1.59 -0.76 38.03
C PRO C 326 0.19 -0.90 38.60
N GLU C 327 -0.33 -2.13 38.56
CA GLU C 327 -1.65 -2.40 39.09
C GLU C 327 -1.68 -2.16 40.59
N PRO C 328 -2.84 -1.82 41.14
CA PRO C 328 -2.95 -1.64 42.59
C PRO C 328 -2.57 -2.92 43.33
N GLY C 329 -1.71 -2.77 44.33
CA GLY C 329 -1.21 -3.91 45.07
C GLY C 329 -0.04 -4.64 44.44
N GLU C 330 0.53 -4.10 43.37
CA GLU C 330 1.70 -4.69 42.73
C GLU C 330 2.97 -4.17 43.41
N ASP C 331 3.79 -5.09 43.91
CA ASP C 331 5.03 -4.71 44.55
C ASP C 331 6.00 -4.13 43.52
N PRO C 332 6.88 -3.22 43.95
CA PRO C 332 7.80 -2.59 42.99
C PRO C 332 8.69 -3.58 42.25
N ARG C 333 9.06 -4.70 42.88
CA ARG C 333 9.96 -5.65 42.24
C ARG C 333 9.35 -6.22 40.97
N VAL C 334 8.08 -6.65 41.05
CA VAL C 334 7.42 -7.25 39.89
C VAL C 334 7.16 -6.20 38.82
N THR C 335 6.88 -4.96 39.24
CA THR C 335 6.63 -3.90 38.25
C THR C 335 7.86 -3.66 37.39
N ARG C 336 9.05 -3.63 38.01
CA ARG C 336 10.27 -3.45 37.25
C ARG C 336 10.51 -4.61 36.29
N ALA C 337 10.27 -5.84 36.76
CA ALA C 337 10.53 -7.02 35.94
C ALA C 337 9.69 -7.01 34.67
N LYS C 338 8.38 -6.80 34.80
CA LYS C 338 7.52 -6.84 33.64
C LYS C 338 7.76 -5.65 32.72
N TYR C 339 8.13 -4.49 33.28
CA TYR C 339 8.44 -3.33 32.44
C TYR C 339 9.80 -3.47 31.76
N PHE C 340 10.76 -4.13 32.42
CA PHE C 340 12.04 -4.39 31.77
C PHE C 340 11.87 -5.30 30.56
N ILE C 341 11.03 -6.34 30.69
CA ILE C 341 10.79 -7.23 29.57
C ILE C 341 10.08 -6.49 28.44
N ARG C 342 9.13 -5.61 28.79
CA ARG C 342 8.42 -4.87 27.76
C ARG C 342 9.36 -3.97 26.97
N ASP C 343 10.30 -3.31 27.66
CA ASP C 343 11.24 -2.43 26.97
C ASP C 343 12.25 -3.19 26.15
N GLU C 344 12.39 -4.50 26.34
CA GLU C 344 13.22 -5.31 25.46
C GLU C 344 12.63 -5.38 24.06
N PHE C 345 11.32 -5.62 23.98
CA PHE C 345 10.66 -5.67 22.68
C PHE C 345 10.54 -4.29 22.06
N LEU C 346 10.32 -3.26 22.89
CA LEU C 346 10.14 -1.92 22.36
C LEU C 346 11.43 -1.37 21.75
N ARG C 347 12.59 -1.79 22.27
CA ARG C 347 13.85 -1.36 21.68
C ARG C 347 13.96 -1.80 20.23
N ILE C 348 13.57 -3.04 19.94
CA ILE C 348 13.64 -3.54 18.57
C ILE C 348 12.64 -2.81 17.69
N SER C 349 11.41 -2.63 18.18
CA SER C 349 10.35 -2.06 17.34
C SER C 349 10.61 -0.61 16.98
N THR C 350 11.12 0.19 17.93
CA THR C 350 11.35 1.60 17.67
C THR C 350 12.60 1.84 16.81
N ALA C 351 13.54 0.90 16.80
CA ALA C 351 14.75 1.07 16.00
C ALA C 351 14.43 1.10 14.50
N SER C 352 13.31 0.52 14.10
CA SER C 352 12.92 0.46 12.70
C SER C 352 11.42 0.71 12.58
N GLY C 353 10.90 0.56 11.37
CA GLY C 353 9.49 0.78 11.14
C GLY C 353 9.13 2.25 11.15
N ASP C 354 9.65 3.01 10.19
CA ASP C 354 9.45 4.45 10.13
C ASP C 354 8.04 4.74 9.63
N GLY C 355 7.08 4.67 10.57
CA GLY C 355 5.71 4.98 10.27
C GLY C 355 4.95 3.95 9.46
N ARG C 356 5.58 2.83 9.12
CA ARG C 356 4.94 1.81 8.30
C ARG C 356 4.17 0.79 9.13
N HIS C 357 4.62 0.50 10.35
CA HIS C 357 3.95 -0.46 11.21
C HIS C 357 4.27 -0.11 12.65
N TYR C 358 3.46 -0.63 13.56
CA TYR C 358 3.51 -0.26 14.97
C TYR C 358 3.36 -1.49 15.85
N CYS C 359 3.77 -1.36 17.10
CA CYS C 359 3.75 -2.46 18.06
C CYS C 359 2.90 -2.08 19.26
N TYR C 360 2.05 -3.00 19.69
CA TYR C 360 1.15 -2.77 20.82
C TYR C 360 1.41 -3.78 21.93
N PRO C 361 2.23 -3.43 22.93
CA PRO C 361 2.45 -4.35 24.04
C PRO C 361 1.25 -4.40 24.98
N HIS C 362 1.11 -5.53 25.67
CA HIS C 362 0.07 -5.71 26.67
C HIS C 362 0.54 -6.66 27.75
N PHE C 363 0.34 -6.27 29.01
CA PHE C 363 0.59 -7.16 30.13
C PHE C 363 -0.68 -7.98 30.37
N THR C 364 -0.60 -9.28 30.09
CA THR C 364 -1.79 -10.12 30.03
C THR C 364 -1.60 -11.39 30.85
N CYS C 365 -2.73 -11.94 31.31
CA CYS C 365 -2.80 -13.28 31.85
C CYS C 365 -3.55 -14.17 30.87
N SER C 366 -3.22 -15.46 30.88
CA SER C 366 -3.75 -16.37 29.87
C SER C 366 -5.26 -16.55 29.95
N VAL C 367 -5.88 -16.15 31.06
CA VAL C 367 -7.30 -16.41 31.27
C VAL C 367 -8.15 -15.14 31.34
N ASP C 368 -7.55 -13.97 31.45
CA ASP C 368 -8.34 -12.75 31.59
C ASP C 368 -9.27 -12.55 30.40
N THR C 369 -10.50 -12.13 30.70
CA THR C 369 -11.53 -11.94 29.67
C THR C 369 -11.28 -10.72 28.80
N GLU C 370 -10.32 -9.87 29.16
CA GLU C 370 -10.11 -8.60 28.46
C GLU C 370 -9.23 -8.75 27.21
N ASN C 371 -8.76 -9.96 26.91
CA ASN C 371 -7.82 -10.12 25.80
C ASN C 371 -8.46 -9.74 24.47
N ILE C 372 -9.68 -10.19 24.21
CA ILE C 372 -10.31 -9.91 22.93
C ILE C 372 -10.65 -8.43 22.80
N ARG C 373 -10.95 -7.77 23.92
CA ARG C 373 -11.14 -6.32 23.87
C ARG C 373 -9.85 -5.59 23.53
N ARG C 374 -8.72 -6.08 24.04
CA ARG C 374 -7.44 -5.46 23.70
C ARG C 374 -7.16 -5.54 22.21
N VAL C 375 -7.40 -6.71 21.61
CA VAL C 375 -7.17 -6.88 20.17
C VAL C 375 -8.07 -5.95 19.38
N PHE C 376 -9.33 -5.83 19.80
CA PHE C 376 -10.27 -4.96 19.11
C PHE C 376 -9.79 -3.51 19.14
N ASN C 377 -9.29 -3.05 20.29
CA ASN C 377 -8.82 -1.67 20.38
C ASN C 377 -7.55 -1.45 19.58
N ASP C 378 -6.65 -2.44 19.55
CA ASP C 378 -5.41 -2.29 18.79
C ASP C 378 -5.68 -2.26 17.29
N CYS C 379 -6.58 -3.14 16.82
CA CYS C 379 -6.92 -3.15 15.40
C CYS C 379 -7.52 -1.82 14.95
N ARG C 380 -8.39 -1.23 15.78
CA ARG C 380 -8.99 0.04 15.43
C ARG C 380 -7.95 1.13 15.25
N ASP C 381 -6.96 1.18 16.14
CA ASP C 381 -5.88 2.15 15.97
C ASP C 381 -5.09 1.89 14.70
N ILE C 382 -4.85 0.62 14.38
CA ILE C 382 -4.11 0.28 13.16
C ILE C 382 -4.85 0.77 11.93
N ILE C 383 -6.16 0.51 11.86
CA ILE C 383 -6.95 0.92 10.71
C ILE C 383 -7.04 2.44 10.64
N GLN C 384 -7.17 3.09 11.79
CA GLN C 384 -7.21 4.55 11.81
C GLN C 384 -5.92 5.14 11.26
N ARG C 385 -4.78 4.56 11.63
CA ARG C 385 -3.49 5.08 11.14
C ARG C 385 -3.34 4.83 9.65
N MET C 386 -3.84 3.68 9.16
CA MET C 386 -3.79 3.42 7.72
C MET C 386 -4.61 4.46 6.95
N HIS C 387 -5.81 4.79 7.45
CA HIS C 387 -6.62 5.80 6.80
C HIS C 387 -5.92 7.15 6.78
N LEU C 388 -5.35 7.55 7.91
CA LEU C 388 -4.66 8.83 7.98
C LEU C 388 -3.46 8.88 7.05
N ARG C 389 -2.78 7.75 6.86
CA ARG C 389 -1.62 7.72 5.99
C ARG C 389 -2.00 7.77 4.51
N GLN C 390 -3.20 7.29 4.16
CA GLN C 390 -3.64 7.35 2.77
C GLN C 390 -3.96 8.78 2.35
N TYR C 391 -4.38 9.62 3.29
CA TYR C 391 -4.60 11.04 3.04
C TYR C 391 -3.35 11.87 3.27
N GLU C 392 -2.23 11.23 3.62
CA GLU C 392 -0.98 11.93 3.89
C GLU C 392 -1.13 12.95 5.00
N LEU C 393 -1.98 12.62 5.98
CA LEU C 393 -2.14 13.45 7.17
C LEU C 393 -1.18 13.04 8.28
N LEU C 394 -0.87 11.76 8.38
CA LEU C 394 0.06 11.26 9.39
C LEU C 394 1.14 10.38 8.75
N SER D 12 35.31 -42.63 16.15
CA SER D 12 33.96 -43.20 16.19
C SER D 12 33.45 -43.47 14.79
N GLU D 13 32.40 -44.31 14.69
CA GLU D 13 31.84 -44.64 13.39
C GLU D 13 31.26 -43.41 12.70
N LEU D 14 30.79 -42.44 13.47
CA LEU D 14 30.26 -41.21 12.87
C LEU D 14 31.33 -40.47 12.09
N ASP D 15 32.54 -40.37 12.66
CA ASP D 15 33.63 -39.71 11.96
C ASP D 15 34.01 -40.46 10.69
N GLN D 16 34.05 -41.79 10.76
CA GLN D 16 34.37 -42.59 9.57
C GLN D 16 33.34 -42.37 8.47
N LEU D 17 32.06 -42.37 8.82
CA LEU D 17 31.02 -42.11 7.83
C LEU D 17 31.11 -40.68 7.30
N ARG D 18 31.32 -39.72 8.20
CA ARG D 18 31.53 -38.34 7.76
C ARG D 18 32.81 -38.22 6.94
N GLN D 19 33.89 -38.86 7.38
CA GLN D 19 35.14 -38.82 6.65
C GLN D 19 35.01 -39.48 5.28
N GLU D 20 34.34 -40.64 5.24
CA GLU D 20 34.17 -41.34 3.97
C GLU D 20 33.32 -40.53 3.00
N ALA D 21 32.28 -39.86 3.50
CA ALA D 21 31.44 -39.03 2.63
C ALA D 21 32.25 -37.93 1.98
N GLU D 22 33.13 -37.27 2.75
CA GLU D 22 34.00 -36.26 2.17
C GLU D 22 34.90 -36.84 1.10
N GLN D 23 35.30 -38.11 1.25
CA GLN D 23 36.16 -38.73 0.24
C GLN D 23 35.41 -38.91 -1.07
N LEU D 24 34.12 -39.25 -1.01
CA LEU D 24 33.34 -39.42 -2.24
C LEU D 24 33.04 -38.08 -2.91
N LYS D 25 32.85 -37.01 -2.12
CA LYS D 25 32.61 -35.70 -2.71
C LYS D 25 33.81 -35.22 -3.51
N ASN D 26 35.02 -35.47 -2.99
CA ASN D 26 36.22 -35.12 -3.75
C ASN D 26 36.29 -35.93 -5.05
N GLN D 27 35.94 -37.22 -4.99
CA GLN D 27 35.95 -38.03 -6.20
C GLN D 27 34.96 -37.51 -7.23
N ILE D 28 33.75 -37.14 -6.79
CA ILE D 28 32.75 -36.62 -7.72
C ILE D 28 33.23 -35.31 -8.33
N ARG D 29 33.81 -34.43 -7.51
CA ARG D 29 34.30 -33.15 -8.03
C ARG D 29 35.40 -33.36 -9.05
N ASP D 30 36.30 -34.32 -8.79
CA ASP D 30 37.38 -34.61 -9.74
C ASP D 30 36.83 -35.11 -11.06
N ALA D 31 35.85 -36.02 -11.02
CA ALA D 31 35.27 -36.55 -12.25
C ALA D 31 34.61 -35.44 -13.06
N ARG D 32 33.85 -34.56 -12.40
CA ARG D 32 33.24 -33.44 -13.10
C ARG D 32 34.29 -32.51 -13.68
N LYS D 33 35.37 -32.26 -12.92
CA LYS D 33 36.43 -31.38 -13.40
C LYS D 33 37.09 -31.95 -14.65
N ALA D 34 37.17 -33.27 -14.77
CA ALA D 34 37.81 -33.86 -15.94
C ALA D 34 36.97 -33.69 -17.20
N CYS D 35 35.65 -33.69 -17.06
CA CYS D 35 34.78 -33.55 -18.23
C CYS D 35 34.73 -32.11 -18.74
N ALA D 36 35.10 -31.13 -17.92
CA ALA D 36 35.01 -29.72 -18.30
C ALA D 36 36.25 -29.35 -19.11
N ASP D 37 36.23 -29.71 -20.39
CA ASP D 37 37.31 -29.37 -21.31
C ASP D 37 37.07 -28.04 -22.01
N ALA D 38 35.82 -27.60 -22.12
CA ALA D 38 35.50 -26.33 -22.75
C ALA D 38 34.15 -25.85 -22.23
N THR D 39 34.05 -24.55 -21.97
CA THR D 39 32.82 -23.99 -21.43
C THR D 39 31.80 -23.73 -22.54
N LEU D 40 30.54 -23.61 -22.13
CA LEU D 40 29.48 -23.31 -23.09
C LEU D 40 29.69 -21.94 -23.71
N SER D 41 30.22 -20.98 -22.95
CA SER D 41 30.38 -19.62 -23.45
C SER D 41 31.29 -19.59 -24.66
N GLN D 42 32.42 -20.28 -24.61
CA GLN D 42 33.36 -20.28 -25.73
C GLN D 42 32.89 -21.18 -26.87
N ILE D 43 32.02 -22.16 -26.59
CA ILE D 43 31.48 -22.99 -27.66
C ILE D 43 30.52 -22.17 -28.53
N THR D 44 29.75 -21.28 -27.92
CA THR D 44 28.77 -20.46 -28.61
C THR D 44 29.25 -19.03 -28.83
N ASN D 45 30.56 -18.81 -28.77
CA ASN D 45 31.08 -17.45 -28.90
C ASN D 45 30.90 -16.91 -30.31
N ASN D 46 30.97 -17.76 -31.33
CA ASN D 46 30.94 -17.32 -32.72
C ASN D 46 29.54 -17.21 -33.29
N ILE D 47 28.52 -17.62 -32.56
CA ILE D 47 27.15 -17.54 -33.07
C ILE D 47 26.62 -16.11 -32.91
N ASP D 48 25.64 -15.77 -33.74
CA ASP D 48 25.13 -14.40 -33.76
C ASP D 48 24.25 -14.12 -32.55
N PRO D 49 24.25 -12.89 -32.07
CA PRO D 49 23.40 -12.54 -30.93
C PRO D 49 21.93 -12.62 -31.29
N VAL D 50 21.11 -12.86 -30.26
CA VAL D 50 19.66 -12.90 -30.45
C VAL D 50 19.13 -11.54 -30.85
N GLY D 51 19.68 -10.48 -30.26
CA GLY D 51 19.21 -9.13 -30.52
C GLY D 51 18.10 -8.72 -29.56
N ARG D 52 17.87 -7.41 -29.49
CA ARG D 52 16.85 -6.88 -28.61
C ARG D 52 15.49 -7.46 -28.95
N ILE D 53 14.88 -8.13 -27.98
CA ILE D 53 13.53 -8.67 -28.12
C ILE D 53 12.61 -7.85 -27.23
N GLN D 54 11.62 -7.20 -27.84
CA GLN D 54 10.68 -6.34 -27.13
C GLN D 54 9.30 -6.98 -27.16
N MET D 55 8.74 -7.22 -25.98
CA MET D 55 7.42 -7.82 -25.85
C MET D 55 6.47 -6.81 -25.21
N ARG D 56 5.19 -6.97 -25.53
CA ARG D 56 4.16 -6.04 -25.11
C ARG D 56 3.05 -6.78 -24.38
N THR D 57 2.46 -6.10 -23.40
CA THR D 57 1.34 -6.67 -22.65
C THR D 57 0.10 -6.71 -23.53
N ARG D 58 -0.36 -7.92 -23.86
CA ARG D 58 -1.53 -8.08 -24.72
C ARG D 58 -2.82 -8.25 -23.94
N ARG D 59 -2.76 -8.68 -22.69
CA ARG D 59 -3.95 -8.91 -21.88
C ARG D 59 -3.61 -8.66 -20.42
N THR D 60 -4.58 -8.08 -19.69
CA THR D 60 -4.48 -7.87 -18.25
C THR D 60 -5.68 -8.54 -17.59
N LEU D 61 -5.44 -9.63 -16.88
CA LEU D 61 -6.51 -10.39 -16.24
C LEU D 61 -6.75 -9.87 -14.83
N ARG D 62 -7.98 -9.47 -14.55
CA ARG D 62 -8.37 -8.91 -13.27
C ARG D 62 -9.49 -9.74 -12.66
N GLY D 63 -9.63 -9.64 -11.34
CA GLY D 63 -10.71 -10.32 -10.66
C GLY D 63 -10.35 -10.95 -9.32
N HIS D 64 -9.10 -11.38 -9.15
CA HIS D 64 -8.65 -11.85 -7.85
C HIS D 64 -8.58 -10.70 -6.86
N LEU D 65 -8.96 -10.99 -5.61
CA LEU D 65 -8.99 -9.99 -4.56
C LEU D 65 -7.67 -9.82 -3.83
N ALA D 66 -6.80 -10.84 -3.88
CA ALA D 66 -5.55 -10.80 -3.14
C ALA D 66 -4.36 -11.17 -4.01
N LYS D 67 -3.18 -11.26 -3.40
CA LYS D 67 -1.96 -11.56 -4.14
C LYS D 67 -2.04 -12.93 -4.79
N ILE D 68 -1.48 -13.04 -6.00
CA ILE D 68 -1.43 -14.29 -6.73
C ILE D 68 -0.17 -15.07 -6.34
N TYR D 69 -0.31 -16.39 -6.20
CA TYR D 69 0.81 -17.23 -5.81
C TYR D 69 1.26 -18.22 -6.88
N ALA D 70 0.37 -18.62 -7.78
CA ALA D 70 0.75 -19.61 -8.79
C ALA D 70 -0.22 -19.55 -9.95
N MET D 71 0.27 -19.95 -11.12
CA MET D 71 -0.54 -20.07 -12.32
C MET D 71 0.02 -21.20 -13.17
N HIS D 72 -0.80 -21.73 -14.06
CA HIS D 72 -0.38 -22.85 -14.89
C HIS D 72 -1.20 -22.88 -16.17
N TRP D 73 -0.52 -22.86 -17.31
CA TRP D 73 -1.19 -22.92 -18.59
C TRP D 73 -1.81 -24.28 -18.82
N GLY D 74 -2.98 -24.29 -19.46
CA GLY D 74 -3.54 -25.52 -19.97
C GLY D 74 -2.79 -26.01 -21.19
N THR D 75 -2.95 -27.30 -21.47
CA THR D 75 -2.24 -27.89 -22.61
C THR D 75 -2.71 -27.35 -23.95
N ASP D 76 -3.84 -26.64 -23.99
CA ASP D 76 -4.33 -26.06 -25.23
C ASP D 76 -3.70 -24.72 -25.55
N SER D 77 -2.95 -24.13 -24.62
CA SER D 77 -2.31 -22.83 -24.76
C SER D 77 -3.30 -21.68 -24.73
N ARG D 78 -4.54 -21.92 -24.34
CA ARG D 78 -5.56 -20.88 -24.25
C ARG D 78 -6.07 -20.69 -22.83
N LEU D 79 -6.42 -21.77 -22.15
CA LEU D 79 -6.94 -21.69 -20.79
C LEU D 79 -5.81 -21.78 -19.77
N LEU D 80 -6.00 -21.13 -18.63
CA LEU D 80 -5.03 -21.16 -17.55
C LEU D 80 -5.76 -20.96 -16.22
N VAL D 81 -5.15 -21.43 -15.16
CA VAL D 81 -5.71 -21.34 -13.81
C VAL D 81 -4.76 -20.53 -12.94
N SER D 82 -5.33 -19.73 -12.04
CA SER D 82 -4.58 -18.89 -11.13
C SER D 82 -5.10 -19.11 -9.71
N ALA D 83 -4.18 -19.07 -8.74
CA ALA D 83 -4.51 -19.27 -7.34
C ALA D 83 -4.16 -18.00 -6.56
N SER D 84 -5.11 -17.52 -5.78
CA SER D 84 -4.92 -16.33 -4.94
C SER D 84 -5.21 -16.69 -3.48
N GLN D 85 -4.55 -15.98 -2.57
CA GLN D 85 -4.74 -16.24 -1.15
C GLN D 85 -6.08 -15.74 -0.62
N ASP D 86 -6.92 -15.13 -1.47
CA ASP D 86 -8.28 -14.83 -1.05
C ASP D 86 -9.11 -16.09 -0.88
N GLY D 87 -8.62 -17.24 -1.32
CA GLY D 87 -9.34 -18.49 -1.19
C GLY D 87 -10.13 -18.83 -2.43
N LYS D 88 -9.57 -18.51 -3.60
CA LYS D 88 -10.29 -18.68 -4.85
C LYS D 88 -9.35 -19.20 -5.93
N LEU D 89 -9.87 -20.11 -6.76
CA LEU D 89 -9.20 -20.56 -7.97
C LEU D 89 -10.00 -20.08 -9.17
N ILE D 90 -9.34 -19.37 -10.08
CA ILE D 90 -9.98 -18.80 -11.26
C ILE D 90 -9.34 -19.41 -12.49
N ILE D 91 -10.18 -19.89 -13.41
CA ILE D 91 -9.74 -20.40 -14.70
C ILE D 91 -10.11 -19.40 -15.77
N TRP D 92 -9.10 -18.88 -16.47
CA TRP D 92 -9.30 -17.83 -17.46
C TRP D 92 -9.26 -18.40 -18.88
N ASP D 93 -9.88 -17.66 -19.79
CA ASP D 93 -9.70 -17.85 -21.23
C ASP D 93 -8.84 -16.68 -21.71
N SER D 94 -7.56 -16.96 -21.98
CA SER D 94 -6.62 -15.89 -22.26
C SER D 94 -7.02 -15.08 -23.49
N TYR D 95 -7.58 -15.74 -24.52
CA TYR D 95 -7.92 -15.04 -25.75
C TYR D 95 -8.98 -13.96 -25.51
N THR D 96 -10.02 -14.29 -24.74
CA THR D 96 -11.15 -13.39 -24.57
C THR D 96 -11.12 -12.64 -23.24
N THR D 97 -10.36 -13.11 -22.26
CA THR D 97 -10.26 -12.54 -20.92
C THR D 97 -11.46 -12.92 -20.06
N ASN D 98 -12.42 -13.68 -20.60
CA ASN D 98 -13.56 -14.08 -19.82
C ASN D 98 -13.18 -15.13 -18.79
N LYS D 99 -13.83 -15.08 -17.62
CA LYS D 99 -13.62 -16.08 -16.58
C LYS D 99 -14.58 -17.24 -16.77
N VAL D 100 -14.08 -18.45 -16.56
CA VAL D 100 -14.85 -19.67 -16.76
C VAL D 100 -15.26 -20.29 -15.44
N HIS D 101 -14.35 -20.40 -14.48
CA HIS D 101 -14.64 -21.04 -13.20
C HIS D 101 -14.04 -20.24 -12.06
N ALA D 102 -14.83 -20.03 -11.02
CA ALA D 102 -14.38 -19.41 -9.76
C ALA D 102 -14.65 -20.41 -8.65
N ILE D 103 -13.62 -21.12 -8.22
CA ILE D 103 -13.76 -22.22 -7.26
C ILE D 103 -13.43 -21.68 -5.87
N PRO D 104 -14.40 -21.59 -4.96
CA PRO D 104 -14.06 -21.27 -3.57
C PRO D 104 -13.26 -22.40 -2.94
N LEU D 105 -12.32 -22.02 -2.08
CA LEU D 105 -11.45 -22.98 -1.42
C LEU D 105 -11.76 -23.02 0.08
N ARG D 106 -11.68 -24.23 0.65
CA ARG D 106 -11.87 -24.38 2.08
C ARG D 106 -10.84 -23.57 2.87
N SER D 107 -9.59 -23.62 2.46
CA SER D 107 -8.52 -22.84 3.06
C SER D 107 -8.05 -21.77 2.08
N SER D 108 -7.89 -20.55 2.58
CA SER D 108 -7.51 -19.43 1.73
C SER D 108 -6.01 -19.30 1.55
N TRP D 109 -5.20 -20.10 2.24
CA TRP D 109 -3.75 -19.98 2.17
C TRP D 109 -3.18 -20.97 1.14
N VAL D 110 -3.60 -20.78 -0.11
CA VAL D 110 -3.13 -21.61 -1.22
C VAL D 110 -1.75 -21.13 -1.66
N MET D 111 -0.89 -22.07 -2.04
CA MET D 111 0.45 -21.75 -2.49
C MET D 111 0.81 -22.31 -3.85
N THR D 112 0.03 -23.24 -4.40
CA THR D 112 0.33 -23.80 -5.71
C THR D 112 -0.96 -24.25 -6.38
N CYS D 113 -0.90 -24.35 -7.70
CA CYS D 113 -2.02 -24.85 -8.50
C CYS D 113 -1.46 -25.51 -9.75
N ALA D 114 -2.23 -26.45 -10.29
CA ALA D 114 -1.81 -27.21 -11.45
C ALA D 114 -3.01 -27.50 -12.35
N TYR D 115 -2.75 -27.53 -13.65
CA TYR D 115 -3.77 -27.85 -14.64
C TYR D 115 -3.46 -29.22 -15.23
N ALA D 116 -4.39 -30.15 -15.07
CA ALA D 116 -4.19 -31.49 -15.60
C ALA D 116 -3.99 -31.42 -17.11
N PRO D 117 -3.05 -32.20 -17.67
CA PRO D 117 -2.81 -32.12 -19.12
C PRO D 117 -4.04 -32.45 -19.95
N SER D 118 -4.96 -33.26 -19.44
CA SER D 118 -6.18 -33.56 -20.15
C SER D 118 -7.18 -32.40 -20.10
N GLY D 119 -6.99 -31.46 -19.18
CA GLY D 119 -7.93 -30.37 -19.00
C GLY D 119 -9.13 -30.70 -18.16
N ASN D 120 -9.21 -31.91 -17.59
CA ASN D 120 -10.37 -32.33 -16.82
C ASN D 120 -10.26 -32.00 -15.34
N TYR D 121 -9.04 -31.79 -14.82
CA TYR D 121 -8.83 -31.59 -13.40
C TYR D 121 -7.85 -30.46 -13.17
N VAL D 122 -7.95 -29.86 -11.98
CA VAL D 122 -7.00 -28.87 -11.48
C VAL D 122 -6.71 -29.18 -10.03
N ALA D 123 -5.50 -28.86 -9.59
CA ALA D 123 -5.07 -29.14 -8.22
C ALA D 123 -4.50 -27.89 -7.58
N CYS D 124 -4.51 -27.87 -6.25
CA CYS D 124 -3.99 -26.75 -5.49
C CYS D 124 -3.73 -27.21 -4.06
N GLY D 125 -2.86 -26.47 -3.38
CA GLY D 125 -2.52 -26.77 -2.00
C GLY D 125 -1.85 -25.58 -1.35
N GLY D 126 -1.58 -25.72 -0.06
CA GLY D 126 -0.96 -24.64 0.68
C GLY D 126 -0.68 -24.96 2.14
N LEU D 127 -0.98 -23.99 3.02
CA LEU D 127 -0.68 -24.14 4.44
C LEU D 127 -1.48 -25.24 5.11
N ASP D 128 -2.56 -25.71 4.49
CA ASP D 128 -3.33 -26.80 5.07
C ASP D 128 -2.66 -28.16 4.90
N ASN D 129 -1.57 -28.23 4.13
CA ASN D 129 -0.81 -29.45 3.93
C ASN D 129 -1.59 -30.50 3.13
N ILE D 130 -2.60 -30.07 2.38
CA ILE D 130 -3.47 -30.97 1.64
C ILE D 130 -3.47 -30.57 0.17
N CYS D 131 -3.43 -31.56 -0.70
CA CYS D 131 -3.56 -31.36 -2.14
C CYS D 131 -5.00 -31.67 -2.55
N SER D 132 -5.71 -30.64 -2.98
CA SER D 132 -7.13 -30.76 -3.34
C SER D 132 -7.29 -30.81 -4.84
N ILE D 133 -7.96 -31.84 -5.34
CA ILE D 133 -8.21 -32.03 -6.76
C ILE D 133 -9.66 -31.72 -7.04
N TYR D 134 -9.92 -30.98 -8.11
CA TYR D 134 -11.25 -30.51 -8.46
C TYR D 134 -11.65 -31.06 -9.83
N ASN D 135 -12.83 -31.65 -9.89
CA ASN D 135 -13.36 -32.21 -11.15
C ASN D 135 -14.12 -31.12 -11.88
N LEU D 136 -13.60 -30.70 -13.04
CA LEU D 136 -14.22 -29.61 -13.80
C LEU D 136 -15.42 -30.07 -14.61
N LYS D 137 -15.46 -31.35 -14.98
CA LYS D 137 -16.49 -31.88 -15.89
C LYS D 137 -17.54 -32.69 -15.15
N THR D 138 -17.94 -32.24 -13.96
CA THR D 138 -18.95 -32.96 -13.18
C THR D 138 -20.29 -32.98 -13.92
N ARG D 139 -21.09 -34.00 -13.63
CA ARG D 139 -22.35 -34.19 -14.34
C ARG D 139 -23.33 -33.04 -14.11
N GLU D 140 -23.16 -32.26 -13.04
CA GLU D 140 -24.02 -31.13 -12.76
C GLU D 140 -23.43 -29.81 -13.24
N GLY D 141 -22.26 -29.84 -13.89
CA GLY D 141 -21.62 -28.65 -14.39
C GLY D 141 -20.86 -27.84 -13.35
N ASN D 142 -21.19 -27.99 -12.07
CA ASN D 142 -20.47 -27.28 -11.02
C ASN D 142 -19.13 -27.95 -10.75
N VAL D 143 -18.25 -27.21 -10.09
CA VAL D 143 -16.92 -27.69 -9.74
C VAL D 143 -16.92 -28.06 -8.26
N ARG D 144 -16.72 -29.34 -7.96
CA ARG D 144 -16.67 -29.84 -6.61
C ARG D 144 -15.32 -30.52 -6.36
N VAL D 145 -14.84 -30.44 -5.13
CA VAL D 145 -13.61 -31.12 -4.75
C VAL D 145 -13.84 -32.62 -4.86
N SER D 146 -12.98 -33.30 -5.63
CA SER D 146 -13.12 -34.73 -5.85
C SER D 146 -12.34 -35.55 -4.83
N ARG D 147 -11.09 -35.20 -4.59
CA ARG D 147 -10.24 -35.92 -3.66
C ARG D 147 -9.42 -34.96 -2.83
N GLU D 148 -9.17 -35.34 -1.58
CA GLU D 148 -8.33 -34.58 -0.67
C GLU D 148 -7.17 -35.47 -0.26
N LEU D 149 -5.96 -35.13 -0.72
CA LEU D 149 -4.77 -35.94 -0.48
C LEU D 149 -4.08 -35.43 0.77
N ALA D 150 -4.11 -36.24 1.83
CA ALA D 150 -3.45 -35.95 3.09
C ALA D 150 -2.29 -36.91 3.30
N GLY D 151 -1.34 -36.48 4.14
CA GLY D 151 -0.18 -37.30 4.44
C GLY D 151 1.09 -36.48 4.57
N HIS D 152 1.12 -35.33 3.89
CA HIS D 152 2.23 -34.41 4.08
C HIS D 152 2.15 -33.75 5.45
N THR D 153 3.30 -33.61 6.10
CA THR D 153 3.41 -32.94 7.39
C THR D 153 3.89 -31.49 7.23
N GLY D 154 3.70 -30.91 6.05
CA GLY D 154 4.12 -29.55 5.79
C GLY D 154 3.34 -28.98 4.63
N TYR D 155 3.45 -27.66 4.48
CA TYR D 155 2.67 -26.96 3.46
C TYR D 155 3.04 -27.46 2.07
N LEU D 156 2.04 -27.47 1.18
CA LEU D 156 2.26 -27.87 -0.20
C LEU D 156 2.82 -26.70 -0.99
N SER D 157 3.97 -26.91 -1.63
CA SER D 157 4.64 -25.85 -2.38
C SER D 157 4.43 -25.96 -3.88
N CYS D 158 4.41 -27.17 -4.43
CA CYS D 158 4.23 -27.34 -5.86
C CYS D 158 3.58 -28.68 -6.14
N CYS D 159 2.99 -28.80 -7.33
CA CYS D 159 2.35 -30.03 -7.76
C CYS D 159 2.17 -29.99 -9.26
N ARG D 160 2.25 -31.17 -9.88
CA ARG D 160 2.10 -31.30 -11.33
C ARG D 160 1.48 -32.64 -11.65
N PHE D 161 0.42 -32.63 -12.45
CA PHE D 161 -0.21 -33.86 -12.89
C PHE D 161 0.69 -34.62 -13.86
N LEU D 162 0.84 -35.92 -13.64
CA LEU D 162 1.39 -36.82 -14.63
C LEU D 162 0.30 -37.32 -15.58
N ASP D 163 -0.83 -37.72 -15.02
CA ASP D 163 -2.02 -38.08 -15.77
C ASP D 163 -3.23 -37.77 -14.89
N ASP D 164 -4.40 -38.29 -15.26
CA ASP D 164 -5.61 -38.01 -14.51
C ASP D 164 -5.69 -38.77 -13.20
N ASN D 165 -4.79 -39.72 -12.94
CA ASN D 165 -4.81 -40.51 -11.72
C ASN D 165 -3.49 -40.47 -10.95
N GLN D 166 -2.53 -39.66 -11.39
CA GLN D 166 -1.24 -39.56 -10.72
C GLN D 166 -0.81 -38.11 -10.66
N ILE D 167 -0.21 -37.73 -9.53
CA ILE D 167 0.24 -36.35 -9.31
C ILE D 167 1.45 -36.39 -8.37
N VAL D 168 2.45 -35.57 -8.69
CA VAL D 168 3.67 -35.45 -7.88
C VAL D 168 3.62 -34.13 -7.14
N THR D 169 3.95 -34.17 -5.85
CA THR D 169 3.88 -32.98 -5.00
C THR D 169 5.21 -32.73 -4.31
N SER D 170 5.39 -31.48 -3.87
CA SER D 170 6.52 -31.08 -3.04
C SER D 170 5.97 -30.34 -1.83
N SER D 171 6.64 -30.54 -0.69
CA SER D 171 6.14 -30.06 0.59
C SER D 171 7.24 -29.43 1.41
N GLY D 172 6.85 -28.52 2.30
CA GLY D 172 7.80 -27.95 3.24
C GLY D 172 8.38 -28.96 4.20
N ASP D 173 7.82 -30.16 4.27
CA ASP D 173 8.36 -31.23 5.10
C ASP D 173 9.64 -31.82 4.51
N THR D 174 10.19 -31.21 3.47
CA THR D 174 11.48 -31.56 2.85
C THR D 174 11.39 -32.79 1.95
N THR D 175 10.18 -33.28 1.64
CA THR D 175 10.02 -34.48 0.84
C THR D 175 9.08 -34.23 -0.33
N CYS D 176 9.19 -35.09 -1.34
CA CYS D 176 8.29 -35.11 -2.47
C CYS D 176 7.57 -36.45 -2.50
N ALA D 177 6.34 -36.44 -3.01
CA ALA D 177 5.49 -37.63 -2.96
C ALA D 177 4.80 -37.83 -4.30
N LEU D 178 4.57 -39.09 -4.64
CA LEU D 178 3.78 -39.48 -5.80
C LEU D 178 2.49 -40.13 -5.30
N TRP D 179 1.35 -39.63 -5.78
CA TRP D 179 0.05 -40.04 -5.29
C TRP D 179 -0.72 -40.82 -6.34
N ASP D 180 -1.54 -41.76 -5.87
CA ASP D 180 -2.49 -42.49 -6.71
C ASP D 180 -3.87 -41.95 -6.40
N ILE D 181 -4.38 -41.09 -7.29
CA ILE D 181 -5.70 -40.49 -7.07
C ILE D 181 -6.78 -41.56 -7.13
N GLU D 182 -7.90 -41.28 -6.48
CA GLU D 182 -9.06 -42.15 -6.30
C GLU D 182 -8.79 -43.23 -5.26
N THR D 183 -7.58 -43.34 -4.72
CA THR D 183 -7.32 -44.11 -3.52
C THR D 183 -6.82 -43.28 -2.35
N GLY D 184 -6.28 -42.08 -2.62
CA GLY D 184 -5.84 -41.18 -1.58
C GLY D 184 -4.49 -41.50 -0.98
N GLN D 185 -3.79 -42.52 -1.47
CA GLN D 185 -2.52 -42.93 -0.93
C GLN D 185 -1.38 -42.51 -1.85
N GLN D 186 -0.24 -42.17 -1.25
CA GLN D 186 0.98 -41.90 -1.99
C GLN D 186 1.77 -43.18 -2.16
N THR D 187 2.07 -43.53 -3.40
CA THR D 187 2.76 -44.78 -3.69
C THR D 187 4.28 -44.68 -3.59
N THR D 188 4.82 -43.46 -3.61
CA THR D 188 6.26 -43.27 -3.52
C THR D 188 6.56 -41.99 -2.77
N THR D 189 7.60 -42.02 -1.93
CA THR D 189 8.08 -40.85 -1.22
C THR D 189 9.53 -40.61 -1.60
N PHE D 190 9.83 -39.38 -2.04
CA PHE D 190 11.17 -39.02 -2.48
C PHE D 190 11.83 -38.21 -1.37
N THR D 191 12.71 -38.88 -0.62
CA THR D 191 13.42 -38.27 0.49
C THR D 191 14.87 -38.04 0.13
N GLY D 192 15.51 -37.11 0.84
CA GLY D 192 16.90 -36.79 0.61
C GLY D 192 17.20 -35.31 0.71
N HIS D 193 16.20 -34.48 0.45
CA HIS D 193 16.34 -33.05 0.70
C HIS D 193 16.27 -32.75 2.19
N THR D 194 17.03 -31.74 2.61
CA THR D 194 17.08 -31.34 4.00
C THR D 194 16.25 -30.10 4.30
N GLY D 195 16.01 -29.25 3.31
CA GLY D 195 15.19 -28.06 3.47
C GLY D 195 13.87 -28.18 2.72
N ASP D 196 13.05 -27.14 2.87
CA ASP D 196 11.75 -27.11 2.23
C ASP D 196 11.88 -27.25 0.73
N VAL D 197 11.19 -28.24 0.15
CA VAL D 197 11.15 -28.35 -1.30
C VAL D 197 10.23 -27.27 -1.85
N MET D 198 10.74 -26.45 -2.77
CA MET D 198 10.02 -25.26 -3.20
C MET D 198 9.42 -25.37 -4.59
N SER D 199 10.07 -26.08 -5.51
CA SER D 199 9.54 -26.21 -6.86
C SER D 199 9.96 -27.54 -7.45
N LEU D 200 9.18 -28.02 -8.42
CA LEU D 200 9.47 -29.25 -9.12
C LEU D 200 9.10 -29.08 -10.59
N SER D 201 9.76 -29.86 -11.44
CA SER D 201 9.53 -29.80 -12.87
C SER D 201 9.58 -31.20 -13.46
N LEU D 202 8.57 -31.54 -14.25
CA LEU D 202 8.51 -32.86 -14.88
C LEU D 202 9.27 -32.85 -16.19
N ALA D 203 9.99 -33.94 -16.46
CA ALA D 203 10.71 -34.08 -17.71
C ALA D 203 9.73 -34.27 -18.87
N PRO D 204 10.16 -33.95 -20.09
CA PRO D 204 9.26 -34.11 -21.24
C PRO D 204 8.69 -35.51 -21.36
N ASP D 205 9.49 -36.54 -21.09
CA ASP D 205 9.01 -37.92 -21.14
C ASP D 205 8.30 -38.35 -19.87
N THR D 206 8.30 -37.52 -18.83
CA THR D 206 7.65 -37.79 -17.55
C THR D 206 8.36 -38.88 -16.76
N ARG D 207 9.43 -39.46 -17.29
CA ARG D 207 10.14 -40.52 -16.59
C ARG D 207 10.94 -40.00 -15.41
N LEU D 208 11.38 -38.74 -15.48
CA LEU D 208 12.19 -38.13 -14.44
C LEU D 208 11.66 -36.73 -14.14
N PHE D 209 11.99 -36.23 -12.96
CA PHE D 209 11.64 -34.87 -12.57
C PHE D 209 12.72 -34.34 -11.64
N VAL D 210 12.86 -33.02 -11.60
CA VAL D 210 13.87 -32.35 -10.80
C VAL D 210 13.18 -31.42 -9.81
N SER D 211 13.76 -31.32 -8.62
CA SER D 211 13.21 -30.50 -7.55
C SER D 211 14.28 -29.58 -6.98
N GLY D 212 13.86 -28.37 -6.61
CA GLY D 212 14.71 -27.41 -5.93
C GLY D 212 14.20 -27.23 -4.51
N ALA D 213 15.12 -27.14 -3.55
CA ALA D 213 14.79 -27.06 -2.14
C ALA D 213 15.47 -25.85 -1.52
N CYS D 214 15.21 -25.65 -0.23
CA CYS D 214 15.82 -24.55 0.53
C CYS D 214 17.20 -24.92 1.07
N ASP D 215 17.82 -25.97 0.54
CA ASP D 215 19.18 -26.34 0.90
C ASP D 215 20.18 -25.98 -0.19
N ALA D 216 19.76 -25.21 -1.19
CA ALA D 216 20.61 -24.75 -2.28
C ALA D 216 21.01 -25.88 -3.24
N SER D 217 20.23 -26.96 -3.30
CA SER D 217 20.54 -28.08 -4.14
C SER D 217 19.31 -28.50 -4.94
N ALA D 218 19.55 -29.06 -6.13
CA ALA D 218 18.50 -29.62 -6.97
C ALA D 218 18.80 -31.10 -7.19
N LYS D 219 17.75 -31.92 -7.17
CA LYS D 219 17.87 -33.37 -7.24
C LYS D 219 17.08 -33.90 -8.41
N LEU D 220 17.69 -34.83 -9.16
CA LEU D 220 17.00 -35.54 -10.23
C LEU D 220 16.49 -36.87 -9.70
N TRP D 221 15.20 -37.12 -9.91
CA TRP D 221 14.54 -38.29 -9.34
C TRP D 221 14.05 -39.22 -10.45
N ASP D 222 13.97 -40.50 -10.11
CA ASP D 222 13.37 -41.51 -10.99
C ASP D 222 11.96 -41.79 -10.50
N VAL D 223 10.96 -41.46 -11.31
CA VAL D 223 9.58 -41.55 -10.87
C VAL D 223 9.20 -42.99 -10.55
N ARG D 224 9.52 -43.92 -11.46
CA ARG D 224 9.11 -45.30 -11.27
C ARG D 224 9.91 -45.96 -10.15
N GLU D 225 11.24 -45.80 -10.17
CA GLU D 225 12.07 -46.44 -9.15
C GLU D 225 11.99 -45.71 -7.81
N GLY D 226 11.90 -44.40 -7.81
CA GLY D 226 11.72 -43.66 -6.57
C GLY D 226 13.00 -43.32 -5.83
N MET D 227 14.13 -43.22 -6.53
CA MET D 227 15.39 -42.87 -5.90
C MET D 227 16.01 -41.68 -6.61
N CYS D 228 16.84 -40.94 -5.88
CA CYS D 228 17.53 -39.79 -6.44
C CYS D 228 18.72 -40.27 -7.27
N ARG D 229 18.74 -39.88 -8.55
CA ARG D 229 19.81 -40.31 -9.45
C ARG D 229 20.99 -39.35 -9.45
N GLN D 230 20.75 -38.05 -9.32
CA GLN D 230 21.83 -37.07 -9.31
C GLN D 230 21.47 -35.91 -8.42
N THR D 231 22.49 -35.21 -7.94
CA THR D 231 22.32 -34.01 -7.14
C THR D 231 23.21 -32.92 -7.71
N PHE D 232 22.64 -31.73 -7.90
CA PHE D 232 23.34 -30.61 -8.50
C PHE D 232 23.48 -29.48 -7.50
N THR D 233 24.68 -28.92 -7.41
CA THR D 233 24.99 -27.82 -6.51
C THR D 233 25.63 -26.68 -7.31
N GLY D 234 25.77 -25.54 -6.65
CA GLY D 234 26.34 -24.37 -7.28
C GLY D 234 25.64 -23.10 -6.88
N HIS D 235 24.36 -23.21 -6.50
CA HIS D 235 23.65 -22.06 -5.95
C HIS D 235 24.07 -21.81 -4.51
N GLU D 236 23.93 -20.56 -4.09
CA GLU D 236 24.35 -20.15 -2.76
C GLU D 236 23.21 -20.05 -1.76
N SER D 237 21.96 -20.03 -2.22
CA SER D 237 20.83 -19.83 -1.33
C SER D 237 19.68 -20.73 -1.80
N ASP D 238 18.50 -20.50 -1.24
CA ASP D 238 17.33 -21.32 -1.53
C ASP D 238 16.98 -21.29 -3.01
N ILE D 239 16.66 -22.45 -3.56
CA ILE D 239 16.16 -22.54 -4.93
C ILE D 239 14.65 -22.38 -4.90
N ASN D 240 14.15 -21.36 -5.61
CA ASN D 240 12.73 -21.05 -5.59
C ASN D 240 11.99 -21.52 -6.84
N ALA D 241 12.69 -21.76 -7.94
CA ALA D 241 12.05 -22.18 -9.18
C ALA D 241 12.99 -23.10 -9.94
N ILE D 242 12.41 -24.00 -10.73
CA ILE D 242 13.17 -24.93 -11.56
C ILE D 242 12.36 -25.25 -12.80
N CYS D 243 13.05 -25.44 -13.92
CA CYS D 243 12.40 -25.71 -15.18
C CYS D 243 13.32 -26.54 -16.08
N PHE D 244 12.73 -27.52 -16.76
CA PHE D 244 13.49 -28.36 -17.68
C PHE D 244 13.77 -27.63 -18.99
N PHE D 245 14.93 -27.91 -19.57
CA PHE D 245 15.22 -27.47 -20.92
C PHE D 245 14.35 -28.27 -21.90
N PRO D 246 13.97 -27.68 -23.03
CA PRO D 246 12.98 -28.33 -23.91
C PRO D 246 13.33 -29.77 -24.28
N ASN D 247 14.59 -30.07 -24.54
CA ASN D 247 14.97 -31.42 -24.96
C ASN D 247 15.15 -32.39 -23.80
N GLY D 248 15.04 -31.92 -22.56
CA GLY D 248 15.12 -32.81 -21.41
C GLY D 248 16.51 -33.19 -20.97
N ASN D 249 17.55 -32.65 -21.59
CA ASN D 249 18.92 -32.95 -21.22
C ASN D 249 19.54 -31.87 -20.35
N ALA D 250 18.76 -30.88 -19.93
CA ALA D 250 19.27 -29.81 -19.08
C ALA D 250 18.10 -29.15 -18.38
N PHE D 251 18.42 -28.32 -17.38
CA PHE D 251 17.40 -27.61 -16.62
C PHE D 251 18.02 -26.34 -16.05
N ALA D 252 17.15 -25.39 -15.71
CA ALA D 252 17.55 -24.12 -15.15
C ALA D 252 16.85 -23.89 -13.81
N THR D 253 17.51 -23.15 -12.93
CA THR D 253 17.02 -22.90 -11.59
C THR D 253 17.14 -21.42 -11.24
N GLY D 254 16.22 -20.96 -10.41
CA GLY D 254 16.27 -19.62 -9.85
C GLY D 254 16.44 -19.70 -8.34
N SER D 255 17.24 -18.81 -7.80
CA SER D 255 17.62 -18.87 -6.39
C SER D 255 17.45 -17.50 -5.74
N ASP D 256 17.48 -17.51 -4.41
CA ASP D 256 17.46 -16.26 -3.64
C ASP D 256 18.76 -15.49 -3.76
N ASP D 257 19.80 -16.09 -4.33
CA ASP D 257 21.09 -15.44 -4.53
C ASP D 257 21.11 -14.54 -5.76
N ALA D 258 19.96 -14.29 -6.37
CA ALA D 258 19.81 -13.34 -7.48
C ALA D 258 20.40 -13.86 -8.79
N THR D 259 20.56 -15.17 -8.93
CA THR D 259 21.15 -15.75 -10.14
C THR D 259 20.32 -16.92 -10.64
N CYS D 260 20.36 -17.12 -11.95
CA CYS D 260 19.83 -18.31 -12.59
C CYS D 260 20.97 -19.11 -13.20
N ARG D 261 20.88 -20.44 -13.11
CA ARG D 261 21.95 -21.32 -13.54
C ARG D 261 21.39 -22.44 -14.41
N LEU D 262 22.21 -22.88 -15.37
CA LEU D 262 21.85 -23.96 -16.28
C LEU D 262 22.69 -25.19 -15.96
N PHE D 263 22.03 -26.33 -15.82
CA PHE D 263 22.69 -27.58 -15.48
C PHE D 263 22.45 -28.61 -16.58
N ASP D 264 23.51 -29.34 -16.93
CA ASP D 264 23.43 -30.40 -17.92
C ASP D 264 23.35 -31.76 -17.23
N LEU D 265 22.40 -32.58 -17.66
CA LEU D 265 22.21 -33.88 -17.03
C LEU D 265 23.35 -34.84 -17.35
N ARG D 266 23.74 -34.90 -18.63
CA ARG D 266 24.78 -35.84 -19.03
C ARG D 266 26.15 -35.39 -18.56
N ALA D 267 26.45 -34.09 -18.68
CA ALA D 267 27.70 -33.57 -18.14
C ALA D 267 27.71 -33.56 -16.62
N ASP D 268 26.54 -33.61 -15.99
CA ASP D 268 26.41 -33.71 -14.54
C ASP D 268 27.11 -32.55 -13.85
N GLN D 269 26.90 -31.34 -14.35
CA GLN D 269 27.49 -30.16 -13.75
C GLN D 269 26.86 -28.91 -14.35
N GLU D 270 27.16 -27.77 -13.76
CA GLU D 270 26.64 -26.49 -14.22
C GLU D 270 27.32 -26.06 -15.51
N LEU D 271 26.57 -25.35 -16.36
CA LEU D 271 27.07 -24.88 -17.63
C LEU D 271 27.13 -23.36 -17.76
N MET D 272 26.21 -22.63 -17.15
CA MET D 272 26.15 -21.19 -17.33
C MET D 272 25.47 -20.54 -16.14
N THR D 273 25.90 -19.33 -15.81
CA THR D 273 25.28 -18.53 -14.76
C THR D 273 24.77 -17.23 -15.37
N TYR D 274 23.50 -16.92 -15.13
CA TYR D 274 22.87 -15.71 -15.63
C TYR D 274 22.69 -14.75 -14.47
N SER D 275 23.46 -13.66 -14.46
CA SER D 275 23.44 -12.72 -13.36
C SER D 275 23.92 -11.36 -13.86
N HIS D 276 23.63 -10.33 -13.08
CA HIS D 276 24.04 -8.98 -13.41
C HIS D 276 24.30 -8.21 -12.12
N ASP D 277 25.20 -7.22 -12.21
CA ASP D 277 25.56 -6.46 -11.02
C ASP D 277 24.36 -5.70 -10.47
N ASN D 278 23.50 -5.19 -11.35
CA ASN D 278 22.34 -4.43 -10.93
C ASN D 278 21.20 -5.30 -10.41
N ILE D 279 21.30 -6.62 -10.58
CA ILE D 279 20.28 -7.55 -10.10
C ILE D 279 20.71 -8.01 -8.71
N ILE D 280 19.95 -7.61 -7.69
CA ILE D 280 20.28 -7.92 -6.30
C ILE D 280 19.17 -8.68 -5.59
N CYS D 281 18.02 -8.87 -6.22
CA CYS D 281 16.88 -9.53 -5.59
C CYS D 281 16.81 -10.99 -6.03
N GLY D 282 15.94 -11.74 -5.35
CA GLY D 282 15.81 -13.15 -5.63
C GLY D 282 14.90 -13.44 -6.83
N ILE D 283 15.08 -14.63 -7.38
CA ILE D 283 14.27 -15.09 -8.52
C ILE D 283 13.13 -15.93 -8.00
N THR D 284 11.92 -15.63 -8.46
CA THR D 284 10.72 -16.34 -8.00
C THR D 284 10.22 -17.39 -8.97
N SER D 285 10.54 -17.27 -10.26
CA SER D 285 10.07 -18.23 -11.25
C SER D 285 11.04 -18.24 -12.43
N VAL D 286 10.94 -19.30 -13.23
CA VAL D 286 11.81 -19.48 -14.39
C VAL D 286 11.07 -20.30 -15.43
N SER D 287 11.39 -20.07 -16.69
CA SER D 287 10.77 -20.79 -17.79
C SER D 287 11.59 -20.60 -19.05
N PHE D 288 11.53 -21.58 -19.94
CA PHE D 288 12.21 -21.54 -21.22
C PHE D 288 11.24 -21.18 -22.34
N SER D 289 11.81 -20.72 -23.46
CA SER D 289 11.03 -20.50 -24.67
C SER D 289 10.88 -21.82 -25.42
N LYS D 290 10.11 -21.77 -26.52
CA LYS D 290 9.82 -22.98 -27.27
C LYS D 290 11.11 -23.68 -27.71
N SER D 291 12.04 -22.92 -28.29
CA SER D 291 13.30 -23.50 -28.75
C SER D 291 14.35 -23.58 -27.66
N GLY D 292 14.11 -22.98 -26.50
CA GLY D 292 15.08 -22.96 -25.42
C GLY D 292 16.16 -21.91 -25.55
N ARG D 293 16.14 -21.11 -26.61
CA ARG D 293 17.16 -20.07 -26.77
C ARG D 293 17.00 -18.96 -25.74
N LEU D 294 15.78 -18.75 -25.24
CA LEU D 294 15.49 -17.69 -24.29
C LEU D 294 15.11 -18.29 -22.95
N LEU D 295 15.60 -17.66 -21.88
CA LEU D 295 15.27 -18.06 -20.51
C LEU D 295 14.62 -16.88 -19.81
N LEU D 296 13.38 -17.06 -19.35
CA LEU D 296 12.60 -16.02 -18.71
C LEU D 296 12.55 -16.26 -17.22
N ALA D 297 12.78 -15.21 -16.43
CA ALA D 297 12.82 -15.33 -14.98
C ALA D 297 12.05 -14.17 -14.35
N GLY D 298 11.23 -14.47 -13.36
CA GLY D 298 10.59 -13.44 -12.56
C GLY D 298 11.47 -13.05 -11.38
N TYR D 299 11.28 -11.83 -10.90
CA TYR D 299 12.16 -11.26 -9.88
C TYR D 299 11.34 -10.58 -8.80
N ASP D 300 11.93 -10.52 -7.60
CA ASP D 300 11.30 -9.84 -6.48
C ASP D 300 11.13 -8.34 -6.74
N ASP D 301 11.94 -7.77 -7.63
CA ASP D 301 11.91 -6.34 -7.91
C ASP D 301 10.81 -5.95 -8.91
N PHE D 302 9.78 -6.78 -9.05
CA PHE D 302 8.58 -6.53 -9.84
C PHE D 302 8.81 -6.74 -11.33
N ASN D 303 10.02 -7.07 -11.77
CA ASN D 303 10.34 -7.17 -13.18
C ASN D 303 10.62 -8.61 -13.58
N CYS D 304 10.59 -8.85 -14.89
CA CYS D 304 10.99 -10.12 -15.48
C CYS D 304 12.06 -9.86 -16.53
N ASN D 305 13.11 -10.69 -16.52
CA ASN D 305 14.24 -10.53 -17.43
C ASN D 305 14.28 -11.67 -18.43
N VAL D 306 14.64 -11.34 -19.66
CA VAL D 306 14.76 -12.31 -20.75
C VAL D 306 16.25 -12.52 -21.01
N TRP D 307 16.70 -13.77 -20.89
CA TRP D 307 18.10 -14.12 -21.03
C TRP D 307 18.33 -14.94 -22.28
N ASP D 308 19.43 -14.65 -22.97
CA ASP D 308 19.90 -15.52 -24.05
C ASP D 308 20.57 -16.73 -23.42
N ALA D 309 19.91 -17.88 -23.49
CA ALA D 309 20.40 -19.06 -22.78
C ALA D 309 21.77 -19.48 -23.29
N LEU D 310 22.02 -19.35 -24.60
CA LEU D 310 23.27 -19.82 -25.17
C LEU D 310 24.44 -18.89 -24.85
N LYS D 311 24.20 -17.58 -24.80
CA LYS D 311 25.27 -16.61 -24.64
C LYS D 311 25.23 -15.86 -23.31
N ALA D 312 24.22 -16.12 -22.48
CA ALA D 312 24.12 -15.52 -21.15
C ALA D 312 23.94 -14.01 -21.18
N ASP D 313 23.55 -13.46 -22.34
CA ASP D 313 23.30 -12.03 -22.45
C ASP D 313 21.84 -11.72 -22.15
N ARG D 314 21.60 -10.56 -21.55
CA ARG D 314 20.25 -10.09 -21.29
C ARG D 314 19.71 -9.42 -22.55
N ALA D 315 18.53 -9.86 -22.99
CA ALA D 315 17.97 -9.43 -24.26
C ALA D 315 16.69 -8.61 -24.16
N GLY D 316 16.06 -8.56 -23.00
CA GLY D 316 14.83 -7.81 -22.86
C GLY D 316 14.33 -7.85 -21.44
N VAL D 317 13.30 -7.05 -21.18
CA VAL D 317 12.71 -6.93 -19.85
C VAL D 317 11.21 -6.75 -19.99
N LEU D 318 10.45 -7.38 -19.09
CA LEU D 318 9.02 -7.17 -18.97
C LEU D 318 8.75 -6.46 -17.65
N ALA D 319 8.26 -5.22 -17.72
CA ALA D 319 8.02 -4.38 -16.54
C ALA D 319 6.61 -3.80 -16.62
N GLY D 320 5.64 -4.55 -16.11
CA GLY D 320 4.26 -4.07 -16.10
C GLY D 320 3.56 -4.26 -14.78
N HIS D 321 4.23 -4.90 -13.82
CA HIS D 321 3.63 -5.24 -12.54
C HIS D 321 4.02 -4.23 -11.45
N ASP D 322 3.10 -4.00 -10.52
CA ASP D 322 3.30 -3.08 -9.41
C ASP D 322 3.67 -3.81 -8.11
N ASN D 323 3.81 -5.13 -8.15
CA ASN D 323 4.25 -5.88 -6.98
C ASN D 323 5.03 -7.09 -7.46
N ARG D 324 5.62 -7.81 -6.50
CA ARG D 324 6.59 -8.85 -6.84
C ARG D 324 5.96 -9.90 -7.74
N VAL D 325 6.72 -10.30 -8.76
CA VAL D 325 6.28 -11.34 -9.68
C VAL D 325 6.43 -12.68 -8.99
N SER D 326 5.34 -13.43 -8.89
CA SER D 326 5.34 -14.68 -8.14
C SER D 326 5.38 -15.92 -9.02
N CYS D 327 4.93 -15.83 -10.27
CA CYS D 327 4.94 -16.99 -11.16
C CYS D 327 4.88 -16.51 -12.60
N LEU D 328 5.31 -17.40 -13.49
CA LEU D 328 5.25 -17.15 -14.93
C LEU D 328 5.28 -18.49 -15.65
N GLY D 329 4.84 -18.47 -16.90
CA GLY D 329 4.82 -19.68 -17.70
C GLY D 329 4.70 -19.36 -19.16
N VAL D 330 5.16 -20.31 -19.98
CA VAL D 330 5.14 -20.18 -21.43
C VAL D 330 4.22 -21.25 -22.00
N THR D 331 3.34 -20.85 -22.91
CA THR D 331 2.39 -21.78 -23.50
C THR D 331 3.12 -22.89 -24.25
N ASP D 332 2.48 -24.06 -24.30
CA ASP D 332 3.08 -25.19 -24.99
C ASP D 332 3.39 -24.88 -26.45
N ASP D 333 2.62 -23.99 -27.06
CA ASP D 333 2.90 -23.55 -28.42
C ASP D 333 3.95 -22.45 -28.49
N GLY D 334 4.35 -21.89 -27.35
CA GLY D 334 5.37 -20.86 -27.32
C GLY D 334 4.93 -19.51 -27.83
N MET D 335 3.63 -19.26 -27.96
CA MET D 335 3.13 -18.03 -28.55
C MET D 335 3.01 -16.88 -27.54
N ALA D 336 3.07 -17.15 -26.24
CA ALA D 336 2.91 -16.09 -25.25
C ALA D 336 3.45 -16.58 -23.91
N VAL D 337 3.64 -15.63 -23.00
CA VAL D 337 4.12 -15.90 -21.65
C VAL D 337 3.22 -15.16 -20.66
N ALA D 338 2.80 -15.86 -19.61
CA ALA D 338 1.93 -15.30 -18.58
C ALA D 338 2.73 -15.05 -17.30
N THR D 339 2.41 -13.94 -16.62
CA THR D 339 3.08 -13.57 -15.39
C THR D 339 2.06 -13.17 -14.34
N GLY D 340 2.19 -13.72 -13.13
CA GLY D 340 1.35 -13.37 -12.01
C GLY D 340 2.15 -12.59 -10.99
N SER D 341 1.46 -11.75 -10.21
CA SER D 341 2.11 -10.88 -9.24
C SER D 341 1.25 -10.79 -7.98
N TRP D 342 1.90 -10.37 -6.89
CA TRP D 342 1.16 -10.07 -5.66
C TRP D 342 0.20 -8.90 -5.83
N ASP D 343 0.36 -8.12 -6.90
CA ASP D 343 -0.56 -7.03 -7.20
C ASP D 343 -1.94 -7.52 -7.63
N SER D 344 -2.16 -8.82 -7.65
CA SER D 344 -3.46 -9.47 -7.92
C SER D 344 -3.81 -9.51 -9.40
N PHE D 345 -2.92 -9.14 -10.29
CA PHE D 345 -3.20 -9.13 -11.72
C PHE D 345 -2.32 -10.13 -12.46
N LEU D 346 -2.85 -10.66 -13.57
CA LEU D 346 -2.12 -11.54 -14.46
C LEU D 346 -2.02 -10.88 -15.83
N LYS D 347 -0.83 -10.94 -16.42
CA LYS D 347 -0.55 -10.28 -17.67
C LYS D 347 -0.02 -11.28 -18.70
N ILE D 348 -0.47 -11.11 -19.94
CA ILE D 348 -0.03 -11.95 -21.05
C ILE D 348 0.87 -11.12 -21.95
N TRP D 349 2.08 -11.60 -22.18
CA TRP D 349 3.07 -10.90 -22.98
C TRP D 349 3.33 -11.66 -24.27
N ASN D 350 3.55 -10.91 -25.35
CA ASN D 350 3.83 -11.49 -26.65
C ASN D 350 4.82 -10.64 -27.43
N SER E 8 22.23 -38.43 13.73
CA SER E 8 22.29 -39.85 14.05
C SER E 8 23.32 -40.58 13.19
N ILE E 9 23.51 -41.86 13.49
CA ILE E 9 24.45 -42.67 12.71
C ILE E 9 23.80 -43.23 11.45
N ALA E 10 22.49 -43.46 11.47
CA ALA E 10 21.80 -43.97 10.28
C ALA E 10 21.90 -42.98 9.13
N GLN E 11 21.73 -41.68 9.40
CA GLN E 11 21.77 -40.69 8.34
C GLN E 11 23.12 -40.68 7.64
N ALA E 12 24.21 -40.78 8.41
CA ALA E 12 25.54 -40.80 7.80
C ALA E 12 25.73 -42.02 6.91
N ARG E 13 25.14 -43.16 7.29
CA ARG E 13 25.22 -44.34 6.42
C ARG E 13 24.34 -44.17 5.19
N LYS E 14 23.14 -43.61 5.35
CA LYS E 14 22.30 -43.35 4.19
C LYS E 14 22.97 -42.36 3.24
N LEU E 15 23.59 -41.31 3.79
CA LEU E 15 24.27 -40.34 2.94
C LEU E 15 25.41 -40.98 2.18
N VAL E 16 26.18 -41.87 2.83
CA VAL E 16 27.29 -42.54 2.15
C VAL E 16 26.77 -43.44 1.04
N GLU E 17 25.68 -44.17 1.29
CA GLU E 17 25.12 -45.02 0.26
C GLU E 17 24.68 -44.21 -0.96
N GLN E 18 24.06 -43.05 -0.73
CA GLN E 18 23.64 -42.21 -1.85
C GLN E 18 24.84 -41.67 -2.62
N LEU E 19 25.88 -41.24 -1.90
CA LEU E 19 27.06 -40.68 -2.57
C LEU E 19 27.74 -41.71 -3.46
N LYS E 20 27.71 -42.99 -3.06
CA LYS E 20 28.29 -44.03 -3.89
C LYS E 20 27.56 -44.15 -5.22
N MET E 21 26.23 -44.06 -5.19
CA MET E 21 25.45 -44.16 -6.42
C MET E 21 25.77 -43.03 -7.38
N GLU E 22 25.91 -41.81 -6.86
CA GLU E 22 26.16 -40.65 -7.71
C GLU E 22 27.57 -40.62 -8.27
N ALA E 23 28.51 -41.33 -7.65
CA ALA E 23 29.90 -41.31 -8.07
C ALA E 23 30.23 -42.33 -9.16
N ASN E 24 29.31 -43.25 -9.48
CA ASN E 24 29.56 -44.31 -10.43
C ASN E 24 28.76 -44.16 -11.71
N ILE E 25 28.49 -42.92 -12.12
CA ILE E 25 27.76 -42.64 -13.34
C ILE E 25 28.75 -42.24 -14.44
N ASP E 26 28.32 -42.38 -15.69
CA ASP E 26 29.15 -42.04 -16.84
C ASP E 26 28.84 -40.61 -17.26
N ARG E 27 29.88 -39.83 -17.49
CA ARG E 27 29.76 -38.42 -17.83
C ARG E 27 30.38 -38.16 -19.21
N ILE E 28 29.83 -37.18 -19.91
CA ILE E 28 30.32 -36.77 -21.21
C ILE E 28 31.06 -35.45 -21.07
N LYS E 29 31.85 -35.11 -22.08
CA LYS E 29 32.59 -33.85 -22.06
C LYS E 29 31.63 -32.68 -22.14
N VAL E 30 31.98 -31.59 -21.45
CA VAL E 30 31.14 -30.39 -21.48
C VAL E 30 31.03 -29.85 -22.89
N SER E 31 32.13 -29.92 -23.65
CA SER E 31 32.10 -29.44 -25.03
C SER E 31 31.06 -30.19 -25.86
N LYS E 32 30.99 -31.51 -25.69
CA LYS E 32 29.98 -32.29 -26.39
C LYS E 32 28.58 -31.93 -25.92
N ALA E 33 28.40 -31.74 -24.61
CA ALA E 33 27.10 -31.35 -24.10
C ALA E 33 26.68 -29.98 -24.61
N ALA E 34 27.62 -29.03 -24.63
CA ALA E 34 27.30 -27.69 -25.12
C ALA E 34 26.93 -27.71 -26.60
N ALA E 35 27.62 -28.53 -27.40
CA ALA E 35 27.33 -28.59 -28.83
C ALA E 35 25.91 -29.08 -29.08
N ASP E 36 25.46 -30.10 -28.34
CA ASP E 36 24.11 -30.60 -28.53
C ASP E 36 23.07 -29.54 -28.19
N LEU E 37 23.30 -28.77 -27.12
CA LEU E 37 22.39 -27.68 -26.81
C LEU E 37 22.37 -26.64 -27.91
N MET E 38 23.54 -26.33 -28.49
CA MET E 38 23.59 -25.42 -29.62
C MET E 38 22.83 -25.97 -30.81
N ALA E 39 23.00 -27.27 -31.10
CA ALA E 39 22.33 -27.87 -32.24
C ALA E 39 20.82 -27.84 -32.08
N TYR E 40 20.32 -28.15 -30.88
CA TYR E 40 18.88 -28.15 -30.67
C TYR E 40 18.28 -26.77 -30.87
N CYS E 41 18.93 -25.73 -30.34
CA CYS E 41 18.43 -24.37 -30.52
C CYS E 41 18.44 -23.98 -32.00
N GLU E 42 19.51 -24.35 -32.71
CA GLU E 42 19.58 -24.02 -34.14
C GLU E 42 18.49 -24.74 -34.94
N ALA E 43 18.12 -25.95 -34.53
CA ALA E 43 17.13 -26.70 -35.28
C ALA E 43 15.72 -26.18 -35.08
N HIS E 44 15.39 -25.71 -33.88
CA HIS E 44 14.05 -25.23 -33.55
C HIS E 44 13.93 -23.71 -33.57
N ALA E 45 14.92 -23.01 -34.11
CA ALA E 45 14.90 -21.55 -34.08
C ALA E 45 13.72 -20.99 -34.86
N LYS E 46 13.44 -21.56 -36.04
CA LYS E 46 12.38 -21.01 -36.88
C LYS E 46 10.99 -21.25 -36.32
N GLU E 47 10.86 -22.14 -35.34
CA GLU E 47 9.57 -22.48 -34.76
C GLU E 47 9.31 -21.80 -33.42
N ASP E 48 10.13 -20.81 -33.05
CA ASP E 48 9.99 -20.16 -31.75
C ASP E 48 9.30 -18.81 -31.93
N PRO E 49 8.01 -18.69 -31.62
CA PRO E 49 7.35 -17.38 -31.79
C PRO E 49 7.97 -16.27 -30.97
N LEU E 50 8.43 -16.57 -29.75
CA LEU E 50 9.00 -15.55 -28.89
C LEU E 50 10.39 -15.12 -29.36
N LEU E 51 11.11 -15.99 -30.07
CA LEU E 51 12.43 -15.65 -30.59
C LEU E 51 12.32 -14.91 -31.92
N THR E 52 11.57 -15.46 -32.87
CA THR E 52 11.31 -14.81 -34.14
C THR E 52 9.89 -14.25 -34.10
N PRO E 53 9.71 -12.93 -34.02
CA PRO E 53 8.36 -12.38 -33.92
C PRO E 53 7.50 -12.79 -35.10
N VAL E 54 6.22 -13.05 -34.82
CA VAL E 54 5.28 -13.49 -35.85
C VAL E 54 4.51 -12.28 -36.36
N PRO E 55 4.24 -12.20 -37.66
CA PRO E 55 3.49 -11.04 -38.19
C PRO E 55 2.12 -10.93 -37.55
N ALA E 56 1.67 -9.70 -37.36
CA ALA E 56 0.36 -9.44 -36.79
C ALA E 56 -0.71 -10.16 -37.60
N SER E 57 -1.85 -10.46 -36.98
CA SER E 57 -2.94 -11.25 -37.55
C SER E 57 -2.61 -12.73 -37.62
N GLU E 58 -1.43 -13.13 -37.12
CA GLU E 58 -1.06 -14.53 -37.04
C GLU E 58 -0.95 -15.05 -35.62
N ASN E 59 -0.98 -14.16 -34.62
CA ASN E 59 -0.96 -14.54 -33.22
C ASN E 59 -2.31 -14.23 -32.57
N PRO E 60 -2.84 -15.14 -31.76
CA PRO E 60 -4.20 -14.98 -31.24
C PRO E 60 -4.33 -13.91 -30.16
N PHE E 61 -3.23 -13.21 -29.86
CA PHE E 61 -3.23 -12.16 -28.85
C PHE E 61 -3.03 -10.77 -29.45
N ARG E 62 -3.29 -10.61 -30.74
CA ARG E 62 -3.17 -9.32 -31.40
C ARG E 62 -4.08 -8.28 -30.75
N GLN F 1 29.01 -25.74 -3.87
CA GLN F 1 28.46 -26.31 -2.65
C GLN F 1 28.77 -25.43 -1.44
N VAL F 2 27.72 -25.06 -0.71
CA VAL F 2 27.89 -24.26 0.51
C VAL F 2 28.48 -25.16 1.59
N GLN F 3 29.63 -24.77 2.13
CA GLN F 3 30.33 -25.56 3.13
C GLN F 3 30.79 -24.66 4.26
N LEU F 4 30.53 -25.10 5.49
CA LEU F 4 31.05 -24.44 6.69
C LEU F 4 31.76 -25.49 7.53
N GLN F 5 32.99 -25.20 7.94
CA GLN F 5 33.82 -26.16 8.66
C GLN F 5 34.43 -25.44 9.86
N GLU F 6 33.89 -25.70 11.05
CA GLU F 6 34.40 -25.08 12.27
C GLU F 6 35.59 -25.85 12.82
N SER F 7 36.51 -25.13 13.44
CA SER F 7 37.71 -25.71 14.02
C SER F 7 37.91 -25.13 15.41
N GLY F 8 38.94 -25.60 16.10
CA GLY F 8 39.20 -25.16 17.45
C GLY F 8 38.34 -25.89 18.46
N GLY F 9 38.38 -25.40 19.70
CA GLY F 9 37.62 -25.98 20.78
C GLY F 9 38.32 -27.20 21.37
N GLY F 10 37.68 -27.76 22.39
CA GLY F 10 38.19 -28.91 23.09
C GLY F 10 38.08 -28.73 24.59
N LEU F 11 38.82 -29.55 25.33
CA LEU F 11 38.80 -29.49 26.79
C LEU F 11 39.60 -28.28 27.27
N VAL F 12 38.99 -27.49 28.14
CA VAL F 12 39.64 -26.31 28.73
C VAL F 12 39.23 -26.22 30.19
N GLN F 13 40.16 -25.85 31.05
CA GLN F 13 39.87 -25.70 32.46
C GLN F 13 39.00 -24.47 32.70
N PRO F 14 38.28 -24.43 33.82
CA PRO F 14 37.45 -23.26 34.12
C PRO F 14 38.30 -22.00 34.21
N GLY F 15 37.73 -20.89 33.74
CA GLY F 15 38.43 -19.63 33.72
C GLY F 15 39.39 -19.45 32.57
N GLY F 16 39.45 -20.40 31.64
CA GLY F 16 40.33 -20.33 30.48
C GLY F 16 39.72 -19.58 29.32
N SER F 17 40.19 -19.90 28.12
CA SER F 17 39.74 -19.23 26.91
C SER F 17 39.91 -20.17 25.72
N LEU F 18 39.27 -19.81 24.62
CA LEU F 18 39.34 -20.59 23.39
C LEU F 18 39.16 -19.66 22.20
N ARG F 19 39.48 -20.18 21.02
CA ARG F 19 39.41 -19.40 19.78
C ARG F 19 38.83 -20.30 18.70
N LEU F 20 37.54 -20.11 18.40
CA LEU F 20 36.85 -20.90 17.39
C LEU F 20 36.97 -20.25 16.03
N SER F 21 37.04 -21.07 14.99
CA SER F 21 37.17 -20.60 13.63
C SER F 21 36.18 -21.33 12.74
N CYS F 22 35.73 -20.63 11.70
CA CYS F 22 34.77 -21.16 10.74
C CYS F 22 35.25 -20.83 9.34
N ALA F 23 35.59 -21.85 8.56
CA ALA F 23 36.05 -21.68 7.19
C ALA F 23 34.90 -21.91 6.24
N ALA F 24 34.56 -20.89 5.45
CA ALA F 24 33.41 -20.91 4.56
C ALA F 24 33.84 -20.96 3.11
N SER F 25 33.10 -21.71 2.31
CA SER F 25 33.35 -21.78 0.87
C SER F 25 32.03 -22.08 0.16
N GLY F 26 32.02 -21.80 -1.14
CA GLY F 26 30.85 -22.05 -1.96
C GLY F 26 29.87 -20.90 -2.07
N PHE F 27 30.15 -19.76 -1.46
CA PHE F 27 29.27 -18.60 -1.57
C PHE F 27 30.10 -17.34 -1.34
N THR F 28 29.55 -16.21 -1.77
CA THR F 28 30.19 -14.91 -1.57
C THR F 28 30.10 -14.56 -0.09
N PHE F 29 31.20 -14.75 0.63
CA PHE F 29 31.18 -14.63 2.07
C PHE F 29 30.87 -13.20 2.53
N SER F 30 31.17 -12.20 1.70
CA SER F 30 31.16 -10.82 2.16
C SER F 30 29.77 -10.17 2.17
N ASN F 31 28.74 -10.85 1.65
CA ASN F 31 27.40 -10.27 1.62
C ASN F 31 26.39 -11.11 2.41
N TYR F 32 26.87 -11.80 3.45
CA TYR F 32 26.01 -12.58 4.33
C TYR F 32 26.27 -12.23 5.78
N LYS F 33 25.21 -12.24 6.58
CA LYS F 33 25.32 -12.12 8.02
C LYS F 33 25.63 -13.50 8.61
N MET F 34 26.38 -13.50 9.71
CA MET F 34 26.87 -14.73 10.31
C MET F 34 26.45 -14.81 11.77
N ASN F 35 26.38 -16.04 12.28
CA ASN F 35 25.94 -16.29 13.65
C ASN F 35 26.71 -17.46 14.23
N TRP F 36 26.88 -17.43 15.55
CA TRP F 36 27.36 -18.56 16.32
C TRP F 36 26.23 -19.09 17.20
N VAL F 37 26.03 -20.41 17.15
CA VAL F 37 25.00 -21.07 17.96
C VAL F 37 25.67 -22.24 18.68
N ARG F 38 24.99 -22.73 19.72
CA ARG F 38 25.51 -23.82 20.51
C ARG F 38 24.35 -24.70 20.99
N GLN F 39 24.69 -25.93 21.35
CA GLN F 39 23.70 -26.90 21.82
C GLN F 39 24.28 -27.60 23.04
N ALA F 40 23.83 -27.20 24.23
CA ALA F 40 24.30 -27.83 25.45
C ALA F 40 23.75 -29.25 25.56
N PRO F 41 24.46 -30.13 26.25
CA PRO F 41 23.97 -31.50 26.42
C PRO F 41 22.60 -31.52 27.06
N GLY F 42 21.69 -32.31 26.50
CA GLY F 42 20.34 -32.37 27.01
C GLY F 42 19.60 -31.06 26.97
N LYS F 43 19.74 -30.32 25.87
CA LYS F 43 19.08 -29.03 25.72
C LYS F 43 18.93 -28.73 24.23
N GLY F 44 18.15 -27.68 23.95
CA GLY F 44 17.94 -27.25 22.58
C GLY F 44 19.04 -26.32 22.10
N LEU F 45 18.90 -25.89 20.84
CA LEU F 45 19.85 -24.97 20.24
C LEU F 45 19.61 -23.56 20.75
N GLU F 46 20.69 -22.82 20.98
CA GLU F 46 20.63 -21.48 21.54
C GLU F 46 21.50 -20.53 20.74
N TRP F 47 20.96 -19.35 20.43
CA TRP F 47 21.72 -18.34 19.72
C TRP F 47 22.79 -17.72 20.61
N VAL F 48 23.95 -17.45 20.03
CA VAL F 48 25.09 -16.88 20.76
C VAL F 48 25.36 -15.44 20.33
N SER F 49 25.69 -15.24 19.06
CA SER F 49 26.03 -13.91 18.56
C SER F 49 25.89 -13.89 17.05
N ASP F 50 25.99 -12.68 16.48
CA ASP F 50 25.92 -12.50 15.04
C ASP F 50 26.73 -11.28 14.66
N ILE F 51 27.07 -11.19 13.37
CA ILE F 51 27.88 -10.09 12.86
C ILE F 51 27.37 -9.72 11.47
N SER F 52 27.26 -8.42 11.21
CA SER F 52 26.75 -7.94 9.95
C SER F 52 27.72 -8.24 8.81
N GLN F 53 27.32 -7.89 7.58
CA GLN F 53 28.15 -8.17 6.42
C GLN F 53 29.50 -7.48 6.51
N SER F 54 29.51 -6.21 6.90
CA SER F 54 30.75 -5.45 7.02
C SER F 54 31.38 -5.55 8.41
N GLY F 55 30.71 -6.22 9.36
CA GLY F 55 31.23 -6.34 10.70
C GLY F 55 30.92 -5.19 11.62
N ALA F 56 30.17 -4.19 11.15
CA ALA F 56 29.89 -3.02 11.99
C ALA F 56 28.89 -3.35 13.09
N SER F 57 27.87 -4.13 12.78
CA SER F 57 26.80 -4.44 13.72
C SER F 57 27.09 -5.79 14.38
N ILE F 58 27.17 -5.77 15.71
CA ILE F 58 27.46 -6.97 16.50
C ILE F 58 26.50 -7.06 17.66
N SER F 59 26.13 -8.29 18.03
CA SER F 59 25.25 -8.51 19.16
C SER F 59 25.60 -9.84 19.82
N TYR F 60 25.34 -9.93 21.12
CA TYR F 60 25.61 -11.13 21.90
C TYR F 60 24.40 -11.47 22.76
N THR F 61 24.32 -12.72 23.16
CA THR F 61 23.36 -13.13 24.18
C THR F 61 23.84 -12.65 25.55
N GLY F 62 22.89 -12.53 26.48
CA GLY F 62 23.19 -11.93 27.77
C GLY F 62 24.31 -12.62 28.51
N SER F 63 24.33 -13.96 28.47
CA SER F 63 25.25 -14.73 29.29
C SER F 63 26.71 -14.59 28.86
N VAL F 64 26.99 -14.05 27.68
CA VAL F 64 28.35 -14.02 27.15
C VAL F 64 28.70 -12.63 26.63
N LYS F 65 27.94 -11.62 27.04
CA LYS F 65 28.08 -10.29 26.46
C LYS F 65 29.50 -9.77 26.56
N GLY F 66 30.08 -9.78 27.77
CA GLY F 66 31.40 -9.28 27.99
C GLY F 66 32.52 -10.29 27.88
N ARG F 67 32.19 -11.55 27.65
CA ARG F 67 33.16 -12.64 27.62
C ARG F 67 33.53 -13.08 26.21
N PHE F 68 32.57 -13.14 25.30
CA PHE F 68 32.81 -13.59 23.94
C PHE F 68 33.06 -12.41 23.01
N THR F 69 33.75 -12.70 21.91
CA THR F 69 34.04 -11.69 20.89
C THR F 69 33.97 -12.36 19.53
N ILE F 70 33.12 -11.84 18.66
CA ILE F 70 32.91 -12.39 17.32
C ILE F 70 33.57 -11.46 16.30
N SER F 71 34.29 -12.05 15.35
CA SER F 71 34.98 -11.29 14.31
C SER F 71 34.95 -12.08 13.02
N ARG F 72 35.11 -11.36 11.90
CA ARG F 72 35.11 -11.97 10.59
C ARG F 72 36.22 -11.35 9.74
N ASP F 73 36.73 -12.14 8.80
CA ASP F 73 37.74 -11.69 7.84
C ASP F 73 37.20 -12.01 6.45
N ASN F 74 36.59 -11.01 5.82
CA ASN F 74 35.94 -11.24 4.52
C ASN F 74 36.94 -11.69 3.47
N ALA F 75 38.13 -11.08 3.45
CA ALA F 75 39.11 -11.42 2.42
C ALA F 75 39.52 -12.88 2.48
N LYS F 76 39.47 -13.49 3.66
CA LYS F 76 39.89 -14.88 3.83
C LYS F 76 38.71 -15.83 4.00
N ASN F 77 37.48 -15.32 4.04
CA ASN F 77 36.29 -16.16 4.16
C ASN F 77 36.36 -17.01 5.43
N THR F 78 36.47 -16.33 6.56
CA THR F 78 36.62 -16.99 7.85
C THR F 78 35.89 -16.19 8.92
N LEU F 79 35.31 -16.91 9.89
CA LEU F 79 34.61 -16.31 11.00
C LEU F 79 35.28 -16.72 12.30
N TYR F 80 35.27 -15.84 13.29
CA TYR F 80 35.99 -16.04 14.54
C TYR F 80 35.07 -15.86 15.73
N LEU F 81 35.39 -16.56 16.82
CA LEU F 81 34.75 -16.35 18.10
C LEU F 81 35.81 -16.50 19.19
N GLN F 82 36.09 -15.42 19.91
CA GLN F 82 37.03 -15.44 21.02
C GLN F 82 36.27 -15.63 22.33
N MET F 83 36.55 -16.74 23.00
CA MET F 83 35.84 -17.10 24.23
C MET F 83 36.81 -16.98 25.41
N ASN F 84 36.42 -16.20 26.40
CA ASN F 84 37.27 -15.90 27.55
C ASN F 84 36.50 -16.15 28.84
N SER F 85 37.25 -16.42 29.91
CA SER F 85 36.66 -16.69 31.22
C SER F 85 35.60 -17.78 31.13
N LEU F 86 35.89 -18.81 30.35
CA LEU F 86 34.94 -19.90 30.16
C LEU F 86 34.57 -20.55 31.49
N LYS F 87 33.28 -20.79 31.68
CA LYS F 87 32.75 -21.47 32.84
C LYS F 87 32.04 -22.75 32.42
N PRO F 88 31.80 -23.67 33.35
CA PRO F 88 31.29 -24.99 32.96
C PRO F 88 29.98 -24.93 32.18
N GLU F 89 29.15 -23.92 32.40
CA GLU F 89 27.89 -23.82 31.67
C GLU F 89 28.10 -23.64 30.17
N ASP F 90 29.29 -23.24 29.75
CA ASP F 90 29.57 -23.00 28.34
C ASP F 90 29.80 -24.29 27.55
N THR F 91 29.90 -25.44 28.21
CA THR F 91 30.15 -26.67 27.48
C THR F 91 28.99 -26.98 26.55
N ALA F 92 29.29 -27.11 25.26
CA ALA F 92 28.28 -27.46 24.27
C ALA F 92 28.97 -27.58 22.91
N VAL F 93 28.19 -28.03 21.93
CA VAL F 93 28.66 -28.03 20.54
C VAL F 93 28.30 -26.68 19.91
N TYR F 94 29.29 -26.02 19.33
CA TYR F 94 29.13 -24.70 18.76
C TYR F 94 29.16 -24.80 17.23
N TYR F 95 28.14 -24.24 16.59
CA TYR F 95 27.99 -24.32 15.14
C TYR F 95 28.12 -22.94 14.53
N CYS F 96 28.79 -22.89 13.37
CA CYS F 96 28.90 -21.66 12.58
C CYS F 96 27.77 -21.62 11.58
N ALA F 97 26.94 -20.58 11.65
CA ALA F 97 25.68 -20.53 10.93
C ALA F 97 25.62 -19.28 10.06
N ARG F 98 25.22 -19.47 8.80
CA ARG F 98 25.03 -18.37 7.87
C ARG F 98 23.54 -18.04 7.73
N CYS F 99 23.24 -16.75 7.66
CA CYS F 99 21.86 -16.35 7.43
C CYS F 99 21.40 -16.81 6.06
N PRO F 100 20.10 -17.12 5.90
CA PRO F 100 19.65 -17.81 4.68
C PRO F 100 19.90 -17.04 3.40
N ALA F 101 19.77 -15.71 3.40
CA ALA F 101 19.82 -14.96 2.16
C ALA F 101 20.79 -13.79 2.27
N PRO F 102 21.37 -13.38 1.15
CA PRO F 102 22.31 -12.24 1.17
C PRO F 102 21.58 -10.91 1.20
N PHE F 103 22.33 -9.89 1.62
CA PHE F 103 21.85 -8.51 1.63
C PHE F 103 20.60 -8.33 2.48
N THR F 104 20.38 -9.22 3.43
CA THR F 104 19.15 -9.26 4.21
C THR F 104 19.38 -8.73 5.62
N ARG F 105 18.36 -8.06 6.16
CA ARG F 105 18.41 -7.53 7.52
C ARG F 105 17.98 -8.57 8.55
N ASP F 106 16.90 -9.30 8.27
CA ASP F 106 16.44 -10.36 9.15
C ASP F 106 17.32 -11.61 8.99
N CYS F 107 17.17 -12.54 9.93
CA CYS F 107 17.94 -13.80 9.88
C CYS F 107 17.06 -14.89 10.50
N PHE F 108 16.38 -15.65 9.65
CA PHE F 108 15.43 -16.65 10.08
C PHE F 108 16.08 -18.04 10.20
N ASP F 109 15.56 -18.82 11.14
CA ASP F 109 15.71 -20.27 11.19
C ASP F 109 17.11 -20.77 11.54
N VAL F 110 18.06 -19.87 11.84
CA VAL F 110 19.42 -20.29 12.08
C VAL F 110 19.53 -21.25 13.26
N THR F 111 18.56 -21.24 14.17
CA THR F 111 18.58 -22.07 15.36
C THR F 111 17.65 -23.27 15.27
N SER F 112 17.11 -23.57 14.09
CA SER F 112 16.20 -24.70 13.95
C SER F 112 16.97 -26.02 14.12
N THR F 113 16.23 -27.06 14.50
CA THR F 113 16.86 -28.36 14.72
C THR F 113 17.58 -28.84 13.46
N THR F 114 17.02 -28.58 12.30
CA THR F 114 17.64 -28.88 11.02
C THR F 114 17.71 -27.60 10.19
N TYR F 115 18.93 -27.21 9.82
CA TYR F 115 19.12 -26.00 9.02
C TYR F 115 20.29 -26.25 8.09
N ALA F 116 20.08 -25.94 6.80
CA ALA F 116 21.04 -26.37 5.78
C ALA F 116 22.34 -25.59 5.84
N TYR F 117 22.27 -24.30 6.11
CA TYR F 117 23.45 -23.43 6.06
C TYR F 117 24.10 -23.32 7.43
N ARG F 118 24.50 -24.48 7.95
CA ARG F 118 25.17 -24.59 9.23
C ARG F 118 26.18 -25.73 9.18
N GLY F 119 27.36 -25.50 9.74
CA GLY F 119 28.40 -26.50 9.74
C GLY F 119 28.26 -27.50 10.87
N GLN F 120 29.14 -28.50 10.84
CA GLN F 120 29.18 -29.53 11.87
C GLN F 120 29.98 -29.00 13.05
N GLY F 121 29.29 -28.63 14.13
CA GLY F 121 29.89 -27.86 15.18
C GLY F 121 31.10 -28.54 15.82
N THR F 122 31.80 -27.76 16.64
CA THR F 122 33.02 -28.19 17.31
C THR F 122 32.76 -28.29 18.81
N GLN F 123 33.07 -29.45 19.37
CA GLN F 123 32.80 -29.69 20.79
C GLN F 123 33.66 -28.77 21.66
N VAL F 124 33.03 -28.09 22.60
CA VAL F 124 33.70 -27.25 23.57
C VAL F 124 33.32 -27.76 24.96
N THR F 125 34.31 -28.21 25.73
CA THR F 125 34.09 -28.77 27.05
C THR F 125 34.87 -27.96 28.07
N VAL F 126 34.15 -27.39 29.04
CA VAL F 126 34.76 -26.64 30.13
C VAL F 126 34.58 -27.47 31.39
N SER F 127 35.68 -28.03 31.88
CA SER F 127 35.64 -28.90 33.05
C SER F 127 37.01 -28.91 33.70
N SER F 128 37.05 -29.38 34.94
CA SER F 128 38.30 -29.46 35.69
C SER F 128 39.18 -30.59 35.17
C1 A1B90 G . -30.09 41.20 5.79
O2 A1B90 G . -29.25 41.16 6.63
C2 A1B90 G . -30.66 39.89 5.24
C3 A1B90 G . -30.72 38.81 6.31
C4 A1B90 G . -31.16 37.45 5.74
C5 A1B90 G . -30.88 36.31 6.72
C6 A1B90 G . -31.32 34.96 6.16
C4 P42 H . -6.40 47.06 -16.53
C5 P42 H . -7.82 47.52 -16.76
C6 P42 H . -7.96 46.84 -19.05
C7 P42 H . -9.34 48.62 -18.24
C8 P42 H . -6.97 48.95 -18.49
CBX P42 H . 1.17 24.91 -5.19
CBV P42 H . 1.71 26.24 -5.68
CBS P42 H . 0.76 27.36 -5.29
CBH P42 H . 0.88 28.54 -6.26
CAQ P42 H . -0.41 29.35 -6.29
CAP P42 H . -0.35 30.46 -7.32
CAO P42 H . 0.17 29.94 -8.66
CAN P42 H . -0.17 30.89 -9.80
CAM P42 H . 0.00 32.35 -9.40
CAL P42 H . -0.53 33.27 -10.49
CAK P42 H . -0.77 34.67 -9.93
CAJ P42 H . -1.91 35.35 -10.68
CAI P42 H . -1.42 36.01 -11.96
CAH P42 H . -0.79 37.36 -11.68
CAG P42 H . -1.73 38.25 -10.87
CAF P42 H . -3.16 38.21 -11.44
CAE P42 H . -3.19 38.80 -12.83
CAD P42 H . -2.77 40.26 -12.78
OAA P42 H . -3.51 40.94 -11.76
OAC P42 H . -3.05 40.88 -14.04
CAB P42 H . -2.32 42.09 -14.17
CBE P42 H . -3.29 43.13 -14.73
CBK P42 H . -3.77 44.07 -13.63
OBL P42 H . -4.99 44.67 -14.03
PBM P42 H . -5.05 46.23 -14.40
OBF P42 H . -5.33 47.02 -13.15
OBU P42 H . -3.85 46.55 -15.27
OBN P42 H . -6.36 46.27 -15.34
OBD P42 H . -2.67 43.87 -15.78
CBC P42 H . -3.57 43.88 -16.88
OBJ P42 H . -4.17 45.17 -16.99
CBB P42 H . -2.85 43.53 -18.17
CBA P42 H . -3.71 42.59 -18.99
CAZ P42 H . -3.49 41.12 -18.61
CAY P42 H . -3.22 40.93 -17.12
CAX P42 H . -2.96 39.46 -16.79
CAW P42 H . -4.09 38.58 -17.28
CAV P42 H . -3.78 37.95 -18.62
CAU P42 H . -4.94 37.08 -19.09
CAT P42 H . -5.10 35.89 -18.17
CAS P42 H . -5.64 34.68 -18.91
CAR P42 H . -5.49 33.41 -18.08
CBI P42 H . -4.03 33.10 -17.77
CBT P42 H . -3.92 31.79 -17.00
CBW P42 H . -2.51 31.57 -16.47
CBY P42 H . -2.48 30.42 -15.50
N P42 H . -8.01 47.99 -18.14
#